data_7U49
#
_entry.id   7U49
#
_cell.length_a   170.955
_cell.length_b   50.939
_cell.length_c   106.597
_cell.angle_alpha   90.000
_cell.angle_beta   113.450
_cell.angle_gamma   90.000
#
_symmetry.space_group_name_H-M   'C 1 2 1'
#
loop_
_entity.id
_entity.type
_entity.pdbx_description
1 polymer Beta-lactamase
2 non-polymer '(2R,4S,5R)-2-[(1R)-1-{[(2Z)-2-(2-amino-1,3-thiazol-4-yl)-2-(methoxyimino)acetyl]amino}-2-oxoethyl]-5-(sulfanylmethyl)-1,3-thiazinane-4-carboxylic acid'
3 water water
#
_entity_poly.entity_id   1
_entity_poly.type   'polypeptide(L)'
_entity_poly.pdbx_seq_one_letter_code
;MVKKSLRQFTLMATATVTLLLGSVPLYAQTADVQQKLAELERQSGGRLGVALINTADNSQILYRADERFAMCSTSKVMAA
AAVLKKSESEPNLLNQRVEIKKSDLVNYNPIAEKHVNGTMSLAELSAAALQYSDNVAMNKLIAHVGGPASVTAFARQLGD
ETFRLDRTEPTLNTAIPGDPRDTTSPRAMAQTLRNLTLGKALGDSQRAQLVTWMKGNTTGAASIQAGLPASWVVGDKTGS
GGYGTTNDIAVIWPKDRAPLILVTYFTQPQPKAESRRDVLASAAKIVTDGL
;
_entity_poly.pdbx_strand_id   A,B,C
#
loop_
_chem_comp.id
_chem_comp.type
_chem_comp.name
_chem_comp.formula
LD0 non-polymer '(2R,4S,5R)-2-[(1R)-1-{[(2Z)-2-(2-amino-1,3-thiazol-4-yl)-2-(methoxyimino)acetyl]amino}-2-oxoethyl]-5-(sulfanylmethyl)-1,3-thiazinane-4-carboxylic acid' 'C14 H19 N5 O5 S3'
#
# COMPACT_ATOMS: atom_id res chain seq x y z
N THR A 30 -1.57 23.42 10.83
CA THR A 30 -0.82 23.78 12.03
C THR A 30 0.12 24.96 11.78
N ALA A 31 0.13 25.93 12.70
CA ALA A 31 1.13 26.99 12.64
C ALA A 31 2.52 26.40 12.53
N ASP A 32 2.77 25.32 13.28
CA ASP A 32 4.11 24.75 13.37
C ASP A 32 4.55 24.14 12.03
N VAL A 33 3.63 23.53 11.28
CA VAL A 33 4.02 22.79 10.08
C VAL A 33 4.88 23.66 9.18
N GLN A 34 4.37 24.82 8.79
CA GLN A 34 5.17 25.70 7.94
C GLN A 34 6.52 25.99 8.56
N GLN A 35 6.56 26.21 9.87
CA GLN A 35 7.82 26.53 10.52
C GLN A 35 8.71 25.31 10.62
N LYS A 36 8.11 24.12 10.68
CA LYS A 36 8.92 22.91 10.70
C LYS A 36 9.54 22.64 9.33
N LEU A 37 8.72 22.68 8.26
CA LEU A 37 9.27 22.55 6.92
C LEU A 37 10.33 23.59 6.67
N ALA A 38 10.16 24.78 7.25
CA ALA A 38 11.18 25.82 7.12
C ALA A 38 12.51 25.34 7.68
N GLU A 39 12.51 24.91 8.94
CA GLU A 39 13.74 24.44 9.56
C GLU A 39 14.27 23.20 8.87
N LEU A 40 13.39 22.21 8.64
CA LEU A 40 13.78 21.08 7.80
C LEU A 40 14.57 21.55 6.58
N GLU A 41 14.03 22.55 5.88
CA GLU A 41 14.69 23.02 4.67
C GLU A 41 16.07 23.56 4.97
N ARG A 42 16.20 24.40 6.00
CA ARG A 42 17.51 25.00 6.28
C ARG A 42 18.49 23.95 6.79
N GLN A 43 18.09 23.16 7.79
CA GLN A 43 18.99 22.11 8.22
C GLN A 43 19.43 21.28 7.02
N SER A 44 18.50 20.93 6.14
CA SER A 44 18.84 20.14 4.98
C SER A 44 19.65 20.92 3.97
N GLY A 45 19.72 22.24 4.10
CA GLY A 45 20.53 23.01 3.17
C GLY A 45 20.13 22.91 1.72
N GLY A 46 18.86 23.16 1.43
CA GLY A 46 18.42 23.19 0.05
C GLY A 46 17.06 23.83 -0.09
N ARG A 47 16.50 23.72 -1.29
CA ARG A 47 15.19 24.26 -1.59
C ARG A 47 14.15 23.15 -1.58
N LEU A 48 13.13 23.28 -0.76
CA LEU A 48 12.15 22.22 -0.54
C LEU A 48 10.78 22.65 -1.01
N GLY A 49 10.23 21.95 -1.99
CA GLY A 49 8.87 22.20 -2.45
C GLY A 49 7.95 21.08 -1.95
N VAL A 50 6.76 21.45 -1.52
CA VAL A 50 5.85 20.49 -0.93
C VAL A 50 4.42 20.89 -1.25
N ALA A 51 3.61 19.91 -1.62
CA ALA A 51 2.18 20.14 -1.77
C ALA A 51 1.47 18.86 -1.37
N LEU A 52 0.65 18.95 -0.32
CA LEU A 52 -0.17 17.85 0.16
C LEU A 52 -1.63 18.19 -0.10
N ILE A 53 -2.38 17.24 -0.63
CA ILE A 53 -3.83 17.34 -0.74
C ILE A 53 -4.41 16.26 0.16
N ASN A 54 -5.26 16.66 1.11
CA ASN A 54 -6.01 15.71 1.92
C ASN A 54 -7.40 15.58 1.31
N THR A 55 -7.67 14.45 0.68
CA THR A 55 -8.99 14.30 0.08
C THR A 55 -10.10 14.15 1.12
N ALA A 56 -9.75 14.05 2.41
CA ALA A 56 -10.78 14.00 3.43
C ALA A 56 -11.58 15.29 3.46
N ASP A 57 -10.90 16.43 3.39
CA ASP A 57 -11.55 17.72 3.53
C ASP A 57 -11.04 18.68 2.47
N ASN A 58 -10.37 18.14 1.44
CA ASN A 58 -9.79 18.90 0.35
C ASN A 58 -8.88 20.00 0.87
N SER A 59 -8.32 19.80 2.05
CA SER A 59 -7.35 20.76 2.51
C SER A 59 -6.03 20.52 1.83
N GLN A 60 -5.12 21.50 1.98
CA GLN A 60 -3.80 21.39 1.38
C GLN A 60 -2.78 21.94 2.35
N ILE A 61 -1.58 21.40 2.27
CA ILE A 61 -0.39 21.99 2.87
C ILE A 61 0.59 22.28 1.75
N LEU A 62 0.96 23.56 1.60
CA LEU A 62 1.87 24.01 0.56
C LEU A 62 3.11 24.60 1.19
N TYR A 63 4.23 24.43 0.51
CA TYR A 63 5.50 25.07 0.88
C TYR A 63 6.25 25.29 -0.43
N ARG A 64 6.40 26.55 -0.84
CA ARG A 64 6.94 26.85 -2.15
C ARG A 64 6.17 26.11 -3.23
N ALA A 65 4.87 25.98 -3.02
CA ALA A 65 4.04 25.14 -3.88
C ALA A 65 3.91 25.70 -5.28
N ASP A 66 4.33 26.94 -5.51
CA ASP A 66 4.15 27.59 -6.81
C ASP A 66 5.47 27.82 -7.52
N GLU A 67 6.58 27.31 -7.01
CA GLU A 67 7.87 27.44 -7.65
C GLU A 67 8.14 26.24 -8.53
N ARG A 68 8.95 26.44 -9.57
CA ARG A 68 9.30 25.38 -10.48
C ARG A 68 10.46 24.54 -9.92
N PHE A 69 10.33 23.24 -10.03
CA PHE A 69 11.38 22.31 -9.64
C PHE A 69 11.60 21.36 -10.81
N ALA A 70 12.85 20.94 -10.99
CA ALA A 70 13.13 19.91 -11.96
C ALA A 70 12.38 18.64 -11.59
N MET A 71 11.59 18.13 -12.53
CA MET A 71 10.79 16.95 -12.26
C MET A 71 11.63 15.70 -12.14
N CYS A 72 12.54 15.50 -13.08
CA CYS A 72 13.41 14.35 -13.01
C CYS A 72 12.51 13.17 -13.34
N SER A 73 12.82 11.98 -12.87
CA SER A 73 11.98 10.83 -13.20
C SER A 73 10.55 10.87 -12.61
N THR A 74 10.20 11.79 -11.71
CA THR A 74 8.78 11.87 -11.38
C THR A 74 7.96 12.28 -12.59
N SER A 75 8.59 12.87 -13.59
CA SER A 75 7.95 13.13 -14.86
C SER A 75 7.41 11.85 -15.52
N LYS A 76 7.92 10.67 -15.17
CA LYS A 76 7.50 9.48 -15.90
C LYS A 76 6.03 9.17 -15.72
N VAL A 77 5.37 9.69 -14.68
CA VAL A 77 3.94 9.44 -14.49
C VAL A 77 3.13 10.10 -15.61
N MET A 78 3.53 11.31 -16.01
CA MET A 78 2.79 12.01 -17.05
C MET A 78 2.89 11.28 -18.38
N ALA A 79 4.08 10.82 -18.72
CA ALA A 79 4.27 10.16 -20.00
C ALA A 79 3.44 8.89 -20.09
N ALA A 80 3.52 8.04 -19.07
CA ALA A 80 2.69 6.85 -19.01
C ALA A 80 1.21 7.18 -18.98
N ALA A 81 0.82 8.18 -18.18
CA ALA A 81 -0.56 8.63 -18.22
C ALA A 81 -0.97 9.07 -19.61
N ALA A 82 -0.05 9.76 -20.32
CA ALA A 82 -0.35 10.18 -21.69
C ALA A 82 -0.54 8.99 -22.63
N VAL A 83 0.26 7.92 -22.46
CA VAL A 83 0.00 6.69 -23.21
C VAL A 83 -1.33 6.09 -22.81
N LEU A 84 -1.60 6.03 -21.49
CA LEU A 84 -2.89 5.49 -21.02
C LEU A 84 -4.05 6.27 -21.63
N LYS A 85 -4.01 7.59 -21.56
CA LYS A 85 -5.06 8.36 -22.21
C LYS A 85 -5.29 7.87 -23.63
N LYS A 86 -4.20 7.71 -24.40
CA LYS A 86 -4.32 7.33 -25.81
C LYS A 86 -5.04 6.00 -25.96
N SER A 87 -4.65 4.99 -25.17
CA SER A 87 -5.26 3.68 -25.32
C SER A 87 -6.77 3.75 -25.20
N GLU A 88 -7.29 4.75 -24.48
CA GLU A 88 -8.75 4.92 -24.41
C GLU A 88 -9.35 5.06 -25.79
N SER A 89 -8.60 5.68 -26.70
CA SER A 89 -9.06 5.96 -28.05
C SER A 89 -8.27 5.17 -29.10
N GLU A 90 -7.75 4.02 -28.70
CA GLU A 90 -6.98 3.10 -29.53
C GLU A 90 -7.03 1.75 -28.85
N PRO A 91 -8.04 0.93 -29.14
CA PRO A 91 -8.38 -0.20 -28.26
C PRO A 91 -7.18 -0.85 -27.61
N ASN A 92 -6.27 -1.38 -28.42
CA ASN A 92 -5.05 -1.94 -27.85
C ASN A 92 -4.10 -0.84 -27.41
N LEU A 93 -3.15 -0.49 -28.28
CA LEU A 93 -2.11 0.47 -27.93
C LEU A 93 -1.16 -0.11 -26.89
N LEU A 94 -1.69 -0.61 -25.77
CA LEU A 94 -0.82 -1.14 -24.73
C LEU A 94 -0.13 -2.42 -25.16
N ASN A 95 -0.62 -3.07 -26.21
CA ASN A 95 -0.10 -4.36 -26.65
C ASN A 95 0.89 -4.25 -27.79
N GLN A 96 0.77 -3.19 -28.59
CA GLN A 96 1.79 -2.85 -29.55
C GLN A 96 3.17 -3.18 -28.99
N ARG A 97 4.00 -3.79 -29.82
CA ARG A 97 5.37 -4.09 -29.43
C ARG A 97 6.27 -2.95 -29.87
N VAL A 98 7.42 -2.85 -29.20
CA VAL A 98 8.35 -1.74 -29.42
C VAL A 98 9.76 -2.31 -29.40
N GLU A 99 10.59 -1.89 -30.36
CA GLU A 99 11.89 -2.50 -30.53
C GLU A 99 12.89 -1.89 -29.54
N ILE A 100 13.60 -2.75 -28.82
CA ILE A 100 14.68 -2.32 -27.96
C ILE A 100 15.98 -2.55 -28.73
N LYS A 101 16.56 -1.47 -29.27
CA LYS A 101 17.82 -1.53 -29.99
C LYS A 101 18.98 -1.25 -29.04
N LYS A 102 20.01 -2.11 -29.09
CA LYS A 102 21.21 -1.90 -28.27
C LYS A 102 21.66 -0.46 -28.32
N SER A 103 21.37 0.22 -29.42
CA SER A 103 21.60 1.66 -29.50
C SER A 103 20.70 2.44 -28.56
N ASP A 104 19.56 1.85 -28.17
CA ASP A 104 18.61 2.61 -27.36
C ASP A 104 19.10 2.80 -25.93
N LEU A 105 19.93 1.89 -25.43
CA LEU A 105 20.34 1.93 -24.03
C LEU A 105 20.89 3.28 -23.65
N VAL A 106 20.56 3.73 -22.44
CA VAL A 106 21.08 4.98 -21.92
C VAL A 106 21.81 4.70 -20.61
N ASN A 107 21.74 5.61 -19.65
CA ASN A 107 22.51 5.43 -18.43
C ASN A 107 21.85 4.48 -17.44
N TYR A 108 20.53 4.36 -17.43
CA TYR A 108 19.85 3.44 -16.52
C TYR A 108 18.76 2.69 -17.26
N ASN A 109 18.94 1.35 -17.41
CA ASN A 109 18.18 0.47 -18.32
C ASN A 109 17.86 -0.89 -17.71
N PRO A 110 17.36 -0.97 -16.48
CA PRO A 110 17.33 -2.28 -15.80
C PRO A 110 16.42 -3.32 -16.44
N ILE A 111 15.37 -2.91 -17.13
CA ILE A 111 14.46 -3.86 -17.77
C ILE A 111 14.69 -3.96 -19.28
N ALA A 112 14.77 -2.81 -19.98
CA ALA A 112 14.99 -2.83 -21.42
C ALA A 112 16.21 -3.66 -21.79
N GLU A 113 17.31 -3.50 -21.04
CA GLU A 113 18.52 -4.25 -21.36
C GLU A 113 18.29 -5.74 -21.41
N LYS A 114 17.17 -6.22 -20.88
CA LYS A 114 16.86 -7.64 -20.98
C LYS A 114 16.15 -7.96 -22.28
N HIS A 115 15.86 -6.95 -23.11
CA HIS A 115 15.11 -7.15 -24.33
C HIS A 115 15.76 -6.46 -25.53
N VAL A 116 17.07 -6.22 -25.47
CA VAL A 116 17.76 -5.69 -26.64
C VAL A 116 17.63 -6.68 -27.79
N ASN A 117 17.39 -6.15 -28.99
CA ASN A 117 17.08 -6.98 -30.13
C ASN A 117 15.83 -7.82 -29.86
N GLY A 118 14.99 -7.30 -28.98
CA GLY A 118 13.65 -7.78 -28.77
C GLY A 118 12.69 -6.60 -28.74
N THR A 119 11.48 -6.81 -28.25
CA THR A 119 10.52 -5.73 -28.10
C THR A 119 9.94 -5.73 -26.70
N MET A 120 9.28 -4.64 -26.37
CA MET A 120 8.42 -4.55 -25.20
C MET A 120 7.14 -3.81 -25.56
N SER A 121 6.03 -4.28 -25.05
CA SER A 121 4.77 -3.56 -25.20
C SER A 121 4.87 -2.19 -24.55
N LEU A 122 3.97 -1.29 -24.95
CA LEU A 122 3.79 -0.05 -24.19
C LEU A 122 3.41 -0.35 -22.74
N ALA A 123 2.53 -1.34 -22.53
CA ALA A 123 2.18 -1.72 -21.16
C ALA A 123 3.41 -2.13 -20.38
N GLU A 124 4.36 -2.79 -21.06
CA GLU A 124 5.58 -3.27 -20.41
C GLU A 124 6.55 -2.13 -20.19
N LEU A 125 6.55 -1.15 -21.09
CA LEU A 125 7.42 -0.01 -20.92
C LEU A 125 6.92 0.93 -19.80
N SER A 126 5.64 1.30 -19.83
CA SER A 126 5.02 2.03 -18.71
C SER A 126 5.36 1.41 -17.38
N ALA A 127 5.06 0.13 -17.24
CA ALA A 127 5.39 -0.59 -16.03
C ALA A 127 6.88 -0.43 -15.70
N ALA A 128 7.74 -0.71 -16.68
CA ALA A 128 9.17 -0.68 -16.41
C ALA A 128 9.62 0.73 -16.04
N ALA A 129 9.02 1.74 -16.68
CA ALA A 129 9.35 3.14 -16.37
C ALA A 129 8.87 3.53 -14.98
N LEU A 130 7.66 3.11 -14.62
CA LEU A 130 7.07 3.56 -13.36
C LEU A 130 7.70 2.85 -12.18
N GLN A 131 7.97 1.56 -12.32
CA GLN A 131 8.31 0.74 -11.18
C GLN A 131 9.80 0.54 -11.00
N TYR A 132 10.60 0.68 -12.06
CA TYR A 132 12.05 0.58 -11.98
C TYR A 132 12.75 1.85 -12.44
N SER A 133 12.00 2.83 -12.91
CA SER A 133 12.56 4.09 -13.35
C SER A 133 13.47 3.89 -14.56
N ASP A 134 13.15 2.88 -15.36
CA ASP A 134 13.92 2.55 -16.56
C ASP A 134 13.94 3.76 -17.48
N ASN A 135 15.15 4.19 -17.86
CA ASN A 135 15.26 5.41 -18.67
C ASN A 135 14.98 5.15 -20.16
N VAL A 136 15.18 3.92 -20.64
CA VAL A 136 14.86 3.65 -22.04
C VAL A 136 13.35 3.67 -22.24
N ALA A 137 12.62 3.03 -21.32
CA ALA A 137 11.17 2.99 -21.43
C ALA A 137 10.60 4.40 -21.43
N MET A 138 11.10 5.29 -20.57
CA MET A 138 10.64 6.65 -20.65
C MET A 138 10.80 7.18 -22.07
N ASN A 139 12.01 7.02 -22.62
CA ASN A 139 12.26 7.52 -23.96
C ASN A 139 11.28 6.92 -24.95
N LYS A 140 11.02 5.62 -24.84
CA LYS A 140 10.00 5.04 -25.70
C LYS A 140 8.66 5.76 -25.51
N LEU A 141 8.20 5.88 -24.25
CA LEU A 141 6.91 6.51 -24.01
C LEU A 141 6.86 7.86 -24.70
N ILE A 142 7.87 8.69 -24.45
CA ILE A 142 7.91 10.01 -25.07
C ILE A 142 7.72 9.86 -26.57
N ALA A 143 8.42 8.87 -27.15
CA ALA A 143 8.36 8.64 -28.59
C ALA A 143 6.93 8.47 -29.06
N HIS A 144 6.19 7.55 -28.42
CA HIS A 144 4.90 7.13 -28.95
C HIS A 144 3.79 8.12 -28.71
N VAL A 145 4.00 9.12 -27.85
CA VAL A 145 3.05 10.22 -27.73
C VAL A 145 3.51 11.44 -28.49
N GLY A 146 4.65 11.35 -29.17
CA GLY A 146 5.05 12.38 -30.12
C GLY A 146 6.05 13.38 -29.62
N GLY A 147 6.95 12.99 -28.72
CA GLY A 147 7.94 13.93 -28.23
C GLY A 147 7.49 14.63 -26.97
N PRO A 148 8.41 15.37 -26.35
CA PRO A 148 8.08 15.97 -25.05
C PRO A 148 7.02 17.06 -25.15
N ALA A 149 6.94 17.77 -26.27
CA ALA A 149 5.97 18.84 -26.38
C ALA A 149 4.55 18.31 -26.35
N SER A 150 4.33 17.12 -26.90
CA SER A 150 3.00 16.53 -26.90
CA SER A 150 2.99 16.57 -26.89
C SER A 150 2.63 15.99 -25.54
N VAL A 151 3.61 15.48 -24.80
CA VAL A 151 3.35 15.10 -23.41
C VAL A 151 2.94 16.32 -22.62
N THR A 152 3.60 17.45 -22.88
CA THR A 152 3.15 18.71 -22.31
C THR A 152 1.75 19.04 -22.78
N ALA A 153 1.46 18.78 -24.06
CA ALA A 153 0.12 19.05 -24.59
C ALA A 153 -0.92 18.23 -23.84
N PHE A 154 -0.58 17.01 -23.46
CA PHE A 154 -1.48 16.23 -22.63
C PHE A 154 -1.70 16.89 -21.28
N ALA A 155 -0.63 17.36 -20.64
CA ALA A 155 -0.80 18.06 -19.37
C ALA A 155 -1.74 19.24 -19.53
N ARG A 156 -1.71 19.89 -20.68
CA ARG A 156 -2.63 21.00 -20.87
C ARG A 156 -4.07 20.51 -20.99
N GLN A 157 -4.29 19.39 -21.69
CA GLN A 157 -5.62 18.82 -21.77
C GLN A 157 -6.16 18.45 -20.42
N LEU A 158 -5.29 18.32 -19.42
CA LEU A 158 -5.71 18.09 -18.04
C LEU A 158 -5.90 19.39 -17.29
N GLY A 159 -5.75 20.53 -17.95
CA GLY A 159 -5.78 21.80 -17.27
C GLY A 159 -4.55 22.12 -16.48
N ASP A 160 -3.45 21.38 -16.66
CA ASP A 160 -2.19 21.67 -16.00
C ASP A 160 -1.41 22.63 -16.90
N GLU A 161 -1.23 23.87 -16.44
CA GLU A 161 -0.55 24.89 -17.22
C GLU A 161 0.91 25.05 -16.86
N THR A 162 1.41 24.27 -15.93
CA THR A 162 2.75 24.48 -15.40
C THR A 162 3.72 23.42 -15.83
N PHE A 163 3.25 22.19 -15.99
CA PHE A 163 4.11 21.09 -16.41
C PHE A 163 4.67 21.34 -17.80
N ARG A 164 5.98 21.13 -17.96
CA ARG A 164 6.62 21.19 -19.27
C ARG A 164 7.70 20.12 -19.34
N LEU A 165 7.53 19.19 -20.27
CA LEU A 165 8.58 18.26 -20.62
C LEU A 165 9.29 18.84 -21.84
N ASP A 166 10.62 18.94 -21.77
CA ASP A 166 11.42 19.54 -22.84
C ASP A 166 12.45 18.60 -23.44
N ARG A 167 13.01 17.65 -22.68
CA ARG A 167 14.09 16.83 -23.18
C ARG A 167 13.77 15.36 -22.99
N THR A 168 14.68 14.52 -23.45
CA THR A 168 14.63 13.07 -23.37
C THR A 168 15.48 12.59 -22.20
N GLU A 169 15.39 11.31 -21.91
CA GLU A 169 16.37 10.70 -21.02
C GLU A 169 17.70 10.56 -21.76
N PRO A 170 18.85 10.80 -21.08
CA PRO A 170 18.97 11.10 -19.66
C PRO A 170 19.02 12.60 -19.33
N THR A 171 19.12 13.47 -20.32
CA THR A 171 19.44 14.86 -20.02
C THR A 171 18.31 15.62 -19.32
N LEU A 172 17.08 15.12 -19.31
CA LEU A 172 16.02 15.91 -18.67
C LEU A 172 16.17 15.98 -17.15
N ASN A 173 17.10 15.24 -16.57
CA ASN A 173 17.34 15.26 -15.13
C ASN A 173 18.40 16.28 -14.70
N THR A 174 18.84 17.16 -15.59
CA THR A 174 20.00 17.99 -15.24
C THR A 174 19.73 18.79 -13.98
N ALA A 175 18.50 19.26 -13.80
CA ALA A 175 18.10 20.00 -12.62
C ALA A 175 18.99 21.20 -12.36
N ILE A 176 19.67 21.68 -13.41
CA ILE A 176 20.46 22.91 -13.34
C ILE A 176 19.56 24.00 -12.77
N PRO A 177 19.99 24.73 -11.75
CA PRO A 177 19.08 25.69 -11.10
C PRO A 177 18.69 26.80 -12.06
N GLY A 178 17.63 27.52 -11.71
CA GLY A 178 17.15 28.58 -12.59
C GLY A 178 16.67 28.13 -13.97
N ASP A 179 17.10 26.97 -14.44
CA ASP A 179 16.57 26.43 -15.70
C ASP A 179 15.09 26.08 -15.52
N PRO A 180 14.24 26.38 -16.53
CA PRO A 180 12.82 26.00 -16.42
C PRO A 180 12.46 24.77 -17.23
N ARG A 181 13.41 24.25 -18.01
CA ARG A 181 13.12 23.04 -18.76
C ARG A 181 12.70 21.91 -17.81
N ASP A 182 11.83 21.04 -18.30
CA ASP A 182 11.44 19.83 -17.59
C ASP A 182 11.12 20.08 -16.11
N THR A 183 10.44 21.20 -15.81
CA THR A 183 10.02 21.51 -14.45
C THR A 183 8.50 21.61 -14.33
N THR A 184 8.04 21.71 -13.09
CA THR A 184 6.66 22.02 -12.74
C THR A 184 6.65 22.54 -11.31
N SER A 185 5.46 22.73 -10.76
CA SER A 185 5.31 23.20 -9.39
C SER A 185 4.67 22.12 -8.54
N PRO A 186 4.98 22.08 -7.24
CA PRO A 186 4.29 21.12 -6.37
C PRO A 186 2.79 21.20 -6.47
N ARG A 187 2.21 22.40 -6.51
CA ARG A 187 0.76 22.51 -6.55
C ARG A 187 0.20 21.88 -7.82
N ALA A 188 0.82 22.19 -8.96
CA ALA A 188 0.36 21.64 -10.23
C ALA A 188 0.42 20.13 -10.23
N MET A 189 1.54 19.58 -9.77
CA MET A 189 1.72 18.14 -9.89
C MET A 189 0.80 17.39 -8.93
N ALA A 190 0.54 17.95 -7.74
CA ALA A 190 -0.42 17.31 -6.82
C ALA A 190 -1.83 17.30 -7.40
N GLN A 191 -2.32 18.45 -7.84
CA GLN A 191 -3.64 18.44 -8.44
C GLN A 191 -3.70 17.48 -9.62
N THR A 192 -2.68 17.53 -10.50
CA THR A 192 -2.66 16.60 -11.63
C THR A 192 -2.66 15.15 -11.18
N LEU A 193 -1.74 14.79 -10.28
CA LEU A 193 -1.69 13.42 -9.79
C LEU A 193 -2.99 12.97 -9.11
N ARG A 194 -3.71 13.89 -8.46
CA ARG A 194 -5.02 13.54 -7.93
C ARG A 194 -6.01 13.29 -9.07
N ASN A 195 -6.02 14.18 -10.07
CA ASN A 195 -6.87 13.95 -11.24
C ASN A 195 -6.61 12.61 -11.92
N LEU A 196 -5.35 12.14 -11.93
CA LEU A 196 -5.01 10.91 -12.67
C LEU A 196 -5.30 9.65 -11.86
N THR A 197 -4.90 9.64 -10.60
CA THR A 197 -5.01 8.44 -9.77
C THR A 197 -6.36 8.34 -9.06
N LEU A 198 -7.04 9.45 -8.87
CA LEU A 198 -8.28 9.51 -8.11
C LEU A 198 -9.42 10.11 -8.90
N GLY A 199 -9.14 11.17 -9.65
CA GLY A 199 -10.13 11.86 -10.45
C GLY A 199 -10.46 11.12 -11.73
N LYS A 200 -10.95 11.87 -12.71
CA LYS A 200 -11.49 11.32 -13.94
C LYS A 200 -10.72 11.76 -15.18
N ALA A 201 -9.44 12.14 -15.03
CA ALA A 201 -8.62 12.47 -16.19
C ALA A 201 -8.54 11.28 -17.14
N LEU A 202 -8.54 10.09 -16.58
CA LEU A 202 -8.48 8.83 -17.32
C LEU A 202 -9.74 8.03 -17.04
N GLY A 203 -10.13 7.20 -17.99
CA GLY A 203 -11.22 6.28 -17.79
C GLY A 203 -10.97 5.40 -16.60
N ASP A 204 -12.01 4.69 -16.18
CA ASP A 204 -11.87 3.87 -14.98
C ASP A 204 -10.78 2.83 -15.12
N SER A 205 -10.70 2.16 -16.28
CA SER A 205 -9.74 1.06 -16.41
C SER A 205 -8.30 1.56 -16.44
N GLN A 206 -8.06 2.71 -17.10
CA GLN A 206 -6.71 3.30 -17.15
C GLN A 206 -6.27 3.80 -15.77
N ARG A 207 -7.14 4.56 -15.10
CA ARG A 207 -6.90 4.99 -13.73
CA ARG A 207 -6.87 4.99 -13.74
C ARG A 207 -6.42 3.81 -12.87
N ALA A 208 -7.17 2.71 -12.89
CA ALA A 208 -6.80 1.57 -12.07
C ALA A 208 -5.45 0.99 -12.48
N GLN A 209 -5.12 1.05 -13.77
CA GLN A 209 -3.85 0.52 -14.21
C GLN A 209 -2.70 1.38 -13.70
N LEU A 210 -2.84 2.69 -13.81
CA LEU A 210 -1.80 3.58 -13.31
C LEU A 210 -1.51 3.32 -11.85
N VAL A 211 -2.57 3.18 -11.05
CA VAL A 211 -2.44 3.00 -9.60
C VAL A 211 -1.78 1.67 -9.28
N THR A 212 -2.21 0.61 -9.97
CA THR A 212 -1.53 -0.67 -9.83
C THR A 212 -0.03 -0.51 -10.12
N TRP A 213 0.31 0.17 -11.21
CA TRP A 213 1.71 0.38 -11.56
C TRP A 213 2.43 1.15 -10.47
N MET A 214 1.96 2.35 -10.14
CA MET A 214 2.60 3.11 -9.08
C MET A 214 2.59 2.32 -7.77
N LYS A 215 1.46 1.71 -7.42
CA LYS A 215 1.46 0.91 -6.20
C LYS A 215 2.58 -0.12 -6.23
N GLY A 216 3.02 -0.53 -7.42
CA GLY A 216 4.07 -1.52 -7.51
C GLY A 216 5.47 -0.97 -7.67
N ASN A 217 5.70 0.33 -7.46
CA ASN A 217 7.03 0.88 -7.61
C ASN A 217 8.03 0.16 -6.70
N THR A 218 9.26 -0.01 -7.18
CA THR A 218 10.29 -0.63 -6.36
C THR A 218 11.28 0.40 -5.82
N THR A 219 11.20 1.65 -6.25
CA THR A 219 12.25 2.62 -5.96
C THR A 219 11.95 3.56 -4.78
N GLY A 220 10.77 3.48 -4.17
CA GLY A 220 10.31 4.51 -3.25
C GLY A 220 10.51 4.28 -1.77
N ALA A 221 11.13 3.17 -1.38
CA ALA A 221 11.07 2.79 0.02
C ALA A 221 11.66 3.86 0.94
N ALA A 222 12.61 4.64 0.44
CA ALA A 222 13.37 5.56 1.28
C ALA A 222 12.91 7.01 1.19
N SER A 223 11.89 7.31 0.40
CA SER A 223 11.44 8.68 0.18
C SER A 223 10.12 8.89 0.91
N ILE A 224 9.07 9.42 0.26
CA ILE A 224 7.84 9.71 0.98
C ILE A 224 7.46 8.56 1.90
N GLN A 225 7.64 7.33 1.43
CA GLN A 225 7.11 6.18 2.18
C GLN A 225 7.81 5.99 3.51
N ALA A 226 9.12 6.27 3.58
CA ALA A 226 9.88 6.18 4.82
C ALA A 226 9.47 7.21 5.87
N GLY A 227 8.51 8.08 5.57
CA GLY A 227 8.04 9.09 6.49
C GLY A 227 6.64 8.78 6.94
N LEU A 228 6.10 7.68 6.47
CA LEU A 228 4.75 7.32 6.85
C LEU A 228 4.72 6.07 7.72
N PRO A 229 3.66 5.90 8.49
CA PRO A 229 3.44 4.63 9.18
C PRO A 229 3.64 3.47 8.24
N ALA A 230 4.28 2.41 8.73
CA ALA A 230 4.58 1.30 7.84
C ALA A 230 3.34 0.64 7.27
N SER A 231 2.17 0.90 7.83
CA SER A 231 0.95 0.22 7.40
C SER A 231 0.27 0.89 6.22
N TRP A 232 0.51 2.18 6.00
CA TRP A 232 -0.17 2.86 4.91
C TRP A 232 0.30 2.32 3.56
N VAL A 233 -0.61 2.33 2.59
CA VAL A 233 -0.34 1.88 1.24
C VAL A 233 0.06 3.07 0.38
N VAL A 234 1.18 2.97 -0.34
CA VAL A 234 1.74 4.08 -1.08
C VAL A 234 1.86 3.69 -2.55
N GLY A 235 1.38 4.57 -3.44
CA GLY A 235 1.80 4.47 -4.83
C GLY A 235 2.60 5.72 -5.12
N ASP A 236 3.85 5.59 -5.57
CA ASP A 236 4.71 6.74 -5.72
C ASP A 236 5.62 6.58 -6.93
N LYS A 237 6.12 7.72 -7.42
CA LYS A 237 7.18 7.73 -8.42
C LYS A 237 8.31 8.63 -7.93
N THR A 238 9.51 8.07 -7.80
CA THR A 238 10.65 8.84 -7.35
C THR A 238 11.29 9.58 -8.51
N GLY A 239 12.16 10.53 -8.18
CA GLY A 239 12.93 11.21 -9.20
C GLY A 239 14.24 11.67 -8.60
N SER A 240 15.30 11.64 -9.40
CA SER A 240 16.57 12.15 -8.92
C SER A 240 17.32 12.73 -10.09
N GLY A 241 18.24 13.64 -9.79
CA GLY A 241 19.01 14.26 -10.85
C GLY A 241 20.11 15.13 -10.28
N GLY A 242 20.78 15.83 -11.19
CA GLY A 242 21.85 16.72 -10.80
C GLY A 242 21.47 17.66 -9.67
N TYR A 243 22.48 18.26 -9.06
CA TYR A 243 22.30 19.20 -7.96
C TYR A 243 21.56 18.58 -6.79
N GLY A 244 21.86 17.31 -6.51
CA GLY A 244 21.26 16.64 -5.36
C GLY A 244 19.76 16.59 -5.38
N THR A 245 19.17 16.75 -6.56
CA THR A 245 17.73 16.83 -6.69
C THR A 245 17.09 15.48 -6.39
N THR A 246 16.14 15.48 -5.44
CA THR A 246 15.56 14.25 -4.91
C THR A 246 14.06 14.50 -4.77
N ASN A 247 13.26 13.81 -5.58
CA ASN A 247 11.82 14.04 -5.70
C ASN A 247 11.07 12.75 -5.47
N ASP A 248 9.77 12.90 -5.23
CA ASP A 248 8.82 11.83 -4.99
C ASP A 248 7.43 12.41 -5.08
N ILE A 249 6.52 11.69 -5.73
CA ILE A 249 5.13 12.10 -5.83
C ILE A 249 4.32 10.84 -5.60
N ALA A 250 3.33 10.93 -4.73
CA ALA A 250 2.73 9.74 -4.18
C ALA A 250 1.24 9.96 -3.94
N VAL A 251 0.46 8.91 -4.18
CA VAL A 251 -0.90 8.81 -3.69
C VAL A 251 -0.88 7.83 -2.53
N ILE A 252 -1.50 8.19 -1.40
CA ILE A 252 -1.39 7.43 -0.17
C ILE A 252 -2.78 7.07 0.32
N TRP A 253 -2.95 5.83 0.78
CA TRP A 253 -4.21 5.33 1.32
C TRP A 253 -3.94 4.85 2.74
N PRO A 254 -4.03 5.73 3.74
CA PRO A 254 -3.85 5.28 5.12
C PRO A 254 -5.01 4.40 5.50
N LYS A 255 -4.76 3.48 6.42
CA LYS A 255 -5.83 2.58 6.81
C LYS A 255 -6.92 3.38 7.48
N ASP A 256 -8.16 3.15 7.07
CA ASP A 256 -9.34 3.80 7.66
C ASP A 256 -9.41 5.30 7.38
N ARG A 257 -8.77 5.78 6.32
CA ARG A 257 -8.77 7.20 6.02
CA ARG A 257 -8.74 7.20 6.02
C ARG A 257 -9.02 7.40 4.53
N ALA A 258 -9.24 8.68 4.16
CA ALA A 258 -9.30 9.08 2.77
C ALA A 258 -7.88 9.29 2.27
N PRO A 259 -7.62 9.10 0.98
CA PRO A 259 -6.24 9.15 0.51
C PRO A 259 -5.72 10.58 0.51
N LEU A 260 -4.39 10.65 0.48
CA LEU A 260 -3.64 11.88 0.35
C LEU A 260 -2.90 11.85 -0.97
N ILE A 261 -2.70 13.03 -1.55
CA ILE A 261 -1.75 13.24 -2.63
C ILE A 261 -0.62 14.07 -2.05
N LEU A 262 0.60 13.59 -2.18
CA LEU A 262 1.78 14.25 -1.61
C LEU A 262 2.86 14.39 -2.69
N VAL A 263 3.21 15.62 -3.02
CA VAL A 263 4.36 15.94 -3.86
C VAL A 263 5.44 16.54 -2.97
N THR A 264 6.65 15.96 -3.02
CA THR A 264 7.83 16.52 -2.35
C THR A 264 8.97 16.64 -3.36
N TYR A 265 9.44 17.85 -3.56
CA TYR A 265 10.57 18.12 -4.45
C TYR A 265 11.66 18.75 -3.62
N PHE A 266 12.91 18.37 -3.87
CA PHE A 266 14.00 18.90 -3.06
C PHE A 266 15.25 19.07 -3.89
N THR A 267 15.84 20.25 -3.85
CA THR A 267 16.95 20.54 -4.73
C THR A 267 18.04 21.28 -3.96
N GLN A 268 19.25 21.17 -4.48
CA GLN A 268 20.47 21.55 -3.79
C GLN A 268 21.38 22.42 -4.65
N PRO A 269 22.11 23.35 -4.03
CA PRO A 269 22.96 24.27 -4.79
C PRO A 269 24.12 23.59 -5.49
N GLN A 270 24.83 22.74 -4.78
CA GLN A 270 26.07 22.17 -5.32
C GLN A 270 25.74 21.18 -6.43
N PRO A 271 26.33 21.34 -7.61
CA PRO A 271 26.03 20.40 -8.71
C PRO A 271 26.22 18.93 -8.35
N LYS A 272 27.21 18.61 -7.51
CA LYS A 272 27.50 17.23 -7.17
C LYS A 272 26.98 16.84 -5.78
N ALA A 273 26.16 17.69 -5.17
CA ALA A 273 25.53 17.36 -3.90
C ALA A 273 24.86 15.99 -3.99
N GLU A 274 24.92 15.22 -2.90
CA GLU A 274 24.42 13.86 -2.95
C GLU A 274 22.90 13.84 -2.77
N SER A 275 22.29 12.72 -3.15
CA SER A 275 20.84 12.60 -2.98
C SER A 275 20.48 12.66 -1.50
N ARG A 276 19.25 13.08 -1.22
CA ARG A 276 18.77 13.19 0.16
C ARG A 276 17.34 12.70 0.21
N ARG A 277 17.17 11.40 0.04
CA ARG A 277 15.83 10.85 0.09
C ARG A 277 15.22 10.99 1.48
N ASP A 278 16.05 11.02 2.52
CA ASP A 278 15.56 11.21 3.88
C ASP A 278 14.88 12.55 4.06
N VAL A 279 15.32 13.57 3.31
CA VAL A 279 14.65 14.86 3.37
C VAL A 279 13.18 14.69 3.00
N LEU A 280 12.92 13.95 1.93
CA LEU A 280 11.54 13.72 1.50
C LEU A 280 10.74 12.95 2.55
N ALA A 281 11.38 12.05 3.28
CA ALA A 281 10.68 11.30 4.31
C ALA A 281 10.34 12.18 5.50
N SER A 282 11.28 13.02 5.92
CA SER A 282 11.00 13.99 6.97
C SER A 282 9.87 14.91 6.56
N ALA A 283 9.95 15.46 5.34
CA ALA A 283 8.87 16.28 4.84
C ALA A 283 7.53 15.55 4.93
N ALA A 284 7.46 14.34 4.38
CA ALA A 284 6.24 13.56 4.55
C ALA A 284 5.91 13.39 6.04
N LYS A 285 6.94 13.21 6.88
CA LYS A 285 6.77 13.11 8.32
C LYS A 285 6.05 14.34 8.88
N ILE A 286 6.58 15.53 8.57
CA ILE A 286 6.06 16.78 9.10
C ILE A 286 4.63 17.06 8.65
N VAL A 287 4.26 16.68 7.42
CA VAL A 287 2.95 17.07 6.89
C VAL A 287 1.87 16.04 7.17
N THR A 288 2.21 14.86 7.65
CA THR A 288 1.18 13.90 8.02
C THR A 288 0.97 13.77 9.53
N ASP A 289 1.85 14.36 10.35
CA ASP A 289 1.67 14.35 11.80
C ASP A 289 0.29 14.88 12.17
N GLY A 290 -0.60 14.01 12.63
CA GLY A 290 -1.98 14.34 12.84
C GLY A 290 -2.93 13.81 11.78
N LEU A 291 -2.61 12.67 11.17
CA LEU A 291 -3.41 12.12 10.08
C LEU A 291 -3.39 10.59 10.12
N THR B 30 -24.24 11.05 -14.33
CA THR B 30 -25.31 10.60 -15.22
C THR B 30 -26.68 10.80 -14.58
N ALA B 31 -27.50 11.69 -15.15
CA ALA B 31 -28.83 11.97 -14.61
C ALA B 31 -29.70 10.72 -14.71
N ASP B 32 -29.11 9.60 -15.16
CA ASP B 32 -29.78 8.29 -15.18
C ASP B 32 -29.78 7.61 -13.82
N VAL B 33 -28.76 7.84 -12.99
CA VAL B 33 -28.89 7.53 -11.58
C VAL B 33 -30.10 8.25 -11.02
N GLN B 34 -30.10 9.57 -11.17
CA GLN B 34 -31.25 10.39 -10.77
C GLN B 34 -32.55 9.73 -11.20
N GLN B 35 -32.53 9.13 -12.39
CA GLN B 35 -33.74 8.48 -12.89
C GLN B 35 -34.04 7.22 -12.12
N LYS B 36 -33.01 6.44 -11.80
CA LYS B 36 -33.25 5.22 -11.06
C LYS B 36 -33.60 5.51 -9.62
N LEU B 37 -33.04 6.59 -9.06
CA LEU B 37 -33.45 7.04 -7.74
C LEU B 37 -34.92 7.48 -7.78
N ALA B 38 -35.22 8.49 -8.59
CA ALA B 38 -36.61 8.91 -8.76
C ALA B 38 -37.51 7.69 -8.98
N GLU B 39 -37.05 6.71 -9.75
CA GLU B 39 -37.90 5.56 -9.99
C GLU B 39 -38.04 4.70 -8.74
N LEU B 40 -36.99 4.63 -7.92
CA LEU B 40 -37.08 3.86 -6.69
C LEU B 40 -38.12 4.47 -5.75
N GLU B 41 -38.05 5.79 -5.55
CA GLU B 41 -39.05 6.49 -4.76
C GLU B 41 -40.44 6.01 -5.16
N ARG B 42 -40.75 6.09 -6.45
CA ARG B 42 -42.08 5.71 -6.96
C ARG B 42 -42.48 4.34 -6.45
N GLN B 43 -41.80 3.29 -6.93
CA GLN B 43 -42.13 1.94 -6.46
C GLN B 43 -42.17 1.87 -4.95
N SER B 44 -41.44 2.75 -4.26
CA SER B 44 -41.30 2.61 -2.82
C SER B 44 -42.61 2.88 -2.12
N GLY B 45 -43.20 4.05 -2.39
CA GLY B 45 -44.29 4.60 -1.61
C GLY B 45 -43.84 5.68 -0.65
N GLY B 46 -42.54 5.77 -0.38
CA GLY B 46 -42.02 6.70 0.59
C GLY B 46 -41.36 7.90 -0.06
N ARG B 47 -40.74 8.71 0.78
CA ARG B 47 -40.00 9.90 0.36
C ARG B 47 -38.54 9.67 0.71
N LEU B 48 -37.69 9.59 -0.33
CA LEU B 48 -36.31 9.18 -0.21
C LEU B 48 -35.36 10.37 -0.22
N GLY B 49 -34.35 10.30 0.64
CA GLY B 49 -33.29 11.29 0.69
C GLY B 49 -31.94 10.61 0.53
N VAL B 50 -31.16 11.04 -0.45
CA VAL B 50 -29.86 10.43 -0.69
C VAL B 50 -28.81 11.52 -0.77
N ALA B 51 -27.70 11.31 -0.08
CA ALA B 51 -26.49 12.11 -0.27
C ALA B 51 -25.31 11.17 -0.30
N LEU B 52 -24.61 11.14 -1.44
CA LEU B 52 -23.35 10.41 -1.63
C LEU B 52 -22.24 11.41 -1.86
N ILE B 53 -21.17 11.33 -1.08
CA ILE B 53 -19.96 12.09 -1.34
C ILE B 53 -18.85 11.11 -1.71
N ASN B 54 -18.22 11.31 -2.87
CA ASN B 54 -17.05 10.52 -3.27
C ASN B 54 -15.80 11.33 -2.98
N THR B 55 -14.99 10.89 -2.02
CA THR B 55 -13.83 11.67 -1.69
C THR B 55 -12.72 11.57 -2.75
N ALA B 56 -12.82 10.67 -3.72
CA ALA B 56 -11.82 10.62 -4.79
C ALA B 56 -11.77 11.98 -5.46
N ASP B 57 -12.87 12.36 -6.12
CA ASP B 57 -12.92 13.62 -6.85
C ASP B 57 -13.85 14.64 -6.20
N ASN B 58 -14.24 14.41 -4.94
CA ASN B 58 -15.19 15.27 -4.26
C ASN B 58 -16.49 15.41 -5.05
N SER B 59 -16.80 14.44 -5.91
CA SER B 59 -18.08 14.44 -6.58
C SER B 59 -19.17 14.05 -5.58
N GLN B 60 -20.41 14.37 -5.92
CA GLN B 60 -21.55 14.12 -5.06
C GLN B 60 -22.73 13.73 -5.92
N ILE B 61 -23.56 12.85 -5.39
CA ILE B 61 -24.90 12.58 -5.91
C ILE B 61 -25.88 13.01 -4.83
N LEU B 62 -26.92 13.75 -5.24
CA LEU B 62 -27.88 14.33 -4.31
C LEU B 62 -29.30 14.01 -4.76
N TYR B 63 -30.19 13.71 -3.81
CA TYR B 63 -31.58 13.43 -4.14
C TYR B 63 -32.40 13.83 -2.91
N ARG B 64 -32.94 15.04 -2.94
CA ARG B 64 -33.62 15.63 -1.81
C ARG B 64 -32.66 15.85 -0.65
N ALA B 65 -31.38 15.97 -0.95
CA ALA B 65 -30.36 16.11 0.07
C ALA B 65 -30.52 17.37 0.90
N ASP B 66 -31.46 18.24 0.57
CA ASP B 66 -31.71 19.41 1.42
C ASP B 66 -33.08 19.35 2.07
N GLU B 67 -33.83 18.26 1.90
CA GLU B 67 -35.09 18.07 2.59
C GLU B 67 -34.85 17.53 4.00
N ARG B 68 -35.50 18.12 4.99
CA ARG B 68 -35.33 17.62 6.34
C ARG B 68 -35.96 16.25 6.48
N PHE B 69 -35.31 15.41 7.28
CA PHE B 69 -35.75 14.06 7.55
C PHE B 69 -35.58 13.82 9.04
N ALA B 70 -36.31 12.82 9.54
CA ALA B 70 -36.20 12.41 10.93
C ALA B 70 -34.95 11.56 11.06
N MET B 71 -33.94 12.08 11.77
CA MET B 71 -32.70 11.32 11.93
C MET B 71 -32.96 9.97 12.59
N CYS B 72 -33.69 9.97 13.70
CA CYS B 72 -33.87 8.73 14.47
C CYS B 72 -32.52 8.30 15.01
N SER B 73 -32.23 7.00 15.06
CA SER B 73 -31.02 6.52 15.70
C SER B 73 -29.75 6.97 14.99
N THR B 74 -29.86 7.44 13.74
CA THR B 74 -28.67 7.95 13.08
C THR B 74 -28.13 9.17 13.82
N SER B 75 -28.94 9.80 14.68
CA SER B 75 -28.42 10.88 15.52
C SER B 75 -27.45 10.36 16.59
N LYS B 76 -27.35 9.04 16.77
CA LYS B 76 -26.51 8.50 17.84
C LYS B 76 -25.03 8.73 17.54
N VAL B 77 -24.68 8.81 16.26
CA VAL B 77 -23.31 9.15 15.88
C VAL B 77 -22.94 10.51 16.42
N MET B 78 -23.87 11.48 16.30
CA MET B 78 -23.60 12.84 16.74
C MET B 78 -23.38 12.90 18.25
N ALA B 79 -24.12 12.08 19.01
CA ALA B 79 -23.99 12.12 20.46
C ALA B 79 -22.71 11.45 20.93
N ALA B 80 -22.39 10.29 20.35
CA ALA B 80 -21.12 9.67 20.68
C ALA B 80 -19.95 10.56 20.25
N ALA B 81 -20.11 11.26 19.13
CA ALA B 81 -19.04 12.12 18.66
C ALA B 81 -18.82 13.30 19.58
N ALA B 82 -19.91 13.87 20.13
CA ALA B 82 -19.75 14.99 21.06
C ALA B 82 -19.03 14.53 22.31
N VAL B 83 -19.29 13.30 22.73
CA VAL B 83 -18.56 12.74 23.85
C VAL B 83 -17.09 12.54 23.46
N LEU B 84 -16.85 11.98 22.26
CA LEU B 84 -15.47 11.84 21.77
C LEU B 84 -14.76 13.18 21.80
N LYS B 85 -15.44 14.24 21.35
CA LYS B 85 -14.85 15.58 21.34
C LYS B 85 -14.51 16.04 22.76
N LYS B 86 -15.40 15.75 23.72
CA LYS B 86 -15.12 16.12 25.11
C LYS B 86 -13.88 15.42 25.61
N SER B 87 -13.70 14.16 25.21
CA SER B 87 -12.54 13.39 25.68
C SER B 87 -11.21 13.97 25.21
N GLU B 88 -11.22 14.82 24.18
CA GLU B 88 -9.95 15.37 23.70
C GLU B 88 -9.31 16.32 24.70
N SER B 89 -10.10 16.93 25.58
CA SER B 89 -9.55 17.80 26.62
C SER B 89 -9.79 17.28 28.03
N GLU B 90 -10.38 16.09 28.17
CA GLU B 90 -10.56 15.48 29.49
C GLU B 90 -9.83 14.15 29.41
N PRO B 91 -8.51 14.14 29.67
CA PRO B 91 -7.69 12.93 29.53
C PRO B 91 -8.47 11.70 29.10
N ASN B 92 -8.90 10.87 30.04
CA ASN B 92 -9.51 9.63 29.57
C ASN B 92 -11.01 9.76 29.40
N LEU B 93 -11.74 10.15 30.43
CA LEU B 93 -13.16 10.43 30.27
C LEU B 93 -13.93 9.19 29.83
N LEU B 94 -13.45 8.51 28.79
CA LEU B 94 -14.14 7.33 28.30
C LEU B 94 -14.18 6.22 29.34
N ASN B 95 -13.36 6.29 30.40
CA ASN B 95 -13.43 5.29 31.45
C ASN B 95 -14.52 5.59 32.48
N GLN B 96 -15.06 6.82 32.49
CA GLN B 96 -16.03 7.23 33.50
C GLN B 96 -17.24 6.31 33.49
N ARG B 97 -17.69 5.91 34.68
CA ARG B 97 -18.83 5.03 34.80
C ARG B 97 -20.10 5.87 34.91
N VAL B 98 -21.22 5.27 34.50
CA VAL B 98 -22.54 5.91 34.52
C VAL B 98 -23.54 4.91 35.10
N GLU B 99 -24.29 5.33 36.13
CA GLU B 99 -25.24 4.42 36.76
C GLU B 99 -26.33 4.01 35.80
N ILE B 100 -26.60 2.71 35.72
CA ILE B 100 -27.78 2.20 35.05
C ILE B 100 -28.74 1.73 36.14
N LYS B 101 -29.87 2.44 36.28
CA LYS B 101 -30.93 2.09 37.22
C LYS B 101 -32.14 1.56 36.45
N LYS B 102 -32.87 0.62 37.06
CA LYS B 102 -33.96 -0.01 36.34
C LYS B 102 -34.96 1.02 35.83
N SER B 103 -35.09 2.16 36.51
CA SER B 103 -35.98 3.19 35.99
C SER B 103 -35.56 3.69 34.61
N ASP B 104 -34.27 3.54 34.25
CA ASP B 104 -33.79 4.01 32.95
C ASP B 104 -34.39 3.22 31.79
N LEU B 105 -34.66 1.92 31.99
CA LEU B 105 -34.94 1.05 30.88
C LEU B 105 -36.07 1.59 30.02
N VAL B 106 -35.93 1.41 28.71
CA VAL B 106 -36.95 1.82 27.76
C VAL B 106 -37.27 0.60 26.92
N ASN B 107 -37.93 0.82 25.79
CA ASN B 107 -38.37 -0.28 24.95
C ASN B 107 -37.20 -1.11 24.45
N TYR B 108 -36.10 -0.45 24.04
CA TYR B 108 -35.00 -1.13 23.38
C TYR B 108 -33.68 -0.75 24.02
N ASN B 109 -32.98 -1.73 24.59
CA ASN B 109 -31.69 -1.50 25.21
C ASN B 109 -30.97 -2.84 25.45
N PRO B 110 -30.59 -3.54 24.38
CA PRO B 110 -30.05 -4.91 24.55
C PRO B 110 -28.83 -5.00 25.44
N ILE B 111 -28.14 -3.89 25.71
CA ILE B 111 -26.90 -3.91 26.47
C ILE B 111 -27.09 -3.34 27.87
N ALA B 112 -27.88 -2.26 27.98
CA ALA B 112 -28.02 -1.60 29.26
C ALA B 112 -28.67 -2.52 30.30
N GLU B 113 -29.68 -3.30 29.87
CA GLU B 113 -30.31 -4.27 30.76
C GLU B 113 -29.27 -5.07 31.55
N LYS B 114 -28.12 -5.33 30.96
CA LYS B 114 -27.11 -6.18 31.58
C LYS B 114 -26.41 -5.51 32.77
N HIS B 115 -26.52 -4.19 32.93
CA HIS B 115 -25.83 -3.56 34.05
C HIS B 115 -26.79 -2.78 34.93
N VAL B 116 -28.05 -3.21 35.03
CA VAL B 116 -28.98 -2.55 35.94
C VAL B 116 -28.42 -2.65 37.36
N ASN B 117 -28.29 -1.51 38.02
CA ASN B 117 -27.72 -1.39 39.35
C ASN B 117 -26.21 -1.44 39.30
N GLY B 118 -25.63 -1.65 38.12
CA GLY B 118 -24.22 -1.47 37.90
C GLY B 118 -23.94 -0.12 37.26
N THR B 119 -22.80 -0.04 36.59
CA THR B 119 -22.48 1.11 35.78
C THR B 119 -22.03 0.64 34.40
N MET B 120 -21.97 1.59 33.47
CA MET B 120 -21.22 1.40 32.24
C MET B 120 -20.33 2.62 32.01
N SER B 121 -19.19 2.35 31.39
CA SER B 121 -18.27 3.42 30.99
C SER B 121 -18.82 4.16 29.78
N LEU B 122 -18.41 5.43 29.65
CA LEU B 122 -18.77 6.17 28.45
C LEU B 122 -18.36 5.44 27.17
N ALA B 123 -17.21 4.75 27.19
CA ALA B 123 -16.85 3.98 26.00
C ALA B 123 -17.83 2.85 25.77
N GLU B 124 -18.25 2.18 26.85
CA GLU B 124 -19.19 1.08 26.69
C GLU B 124 -20.56 1.59 26.25
N LEU B 125 -20.98 2.72 26.81
CA LEU B 125 -22.20 3.38 26.33
C LEU B 125 -22.09 3.72 24.84
N SER B 126 -21.04 4.46 24.46
CA SER B 126 -20.84 4.83 23.06
C SER B 126 -20.91 3.61 22.14
N ALA B 127 -20.14 2.58 22.47
CA ALA B 127 -20.16 1.36 21.67
C ALA B 127 -21.56 0.76 21.62
N ALA B 128 -22.25 0.73 22.77
CA ALA B 128 -23.57 0.12 22.80
C ALA B 128 -24.57 0.90 21.97
N ALA B 129 -24.55 2.23 22.04
CA ALA B 129 -25.46 2.99 21.19
C ALA B 129 -25.16 2.79 19.71
N LEU B 130 -23.87 2.65 19.35
CA LEU B 130 -23.53 2.65 17.93
C LEU B 130 -23.73 1.28 17.29
N GLN B 131 -23.40 0.20 17.99
CA GLN B 131 -23.39 -1.10 17.37
C GLN B 131 -24.62 -1.95 17.66
N TYR B 132 -25.38 -1.64 18.72
CA TYR B 132 -26.68 -2.31 18.95
C TYR B 132 -27.83 -1.32 18.98
N SER B 133 -27.59 -0.03 18.79
CA SER B 133 -28.64 0.97 18.77
C SER B 133 -29.37 1.05 20.11
N ASP B 134 -28.66 0.75 21.20
CA ASP B 134 -29.21 0.77 22.55
C ASP B 134 -29.77 2.14 22.89
N ASN B 135 -31.05 2.20 23.27
CA ASN B 135 -31.64 3.49 23.52
C ASN B 135 -31.23 4.09 24.87
N VAL B 136 -30.83 3.27 25.85
CA VAL B 136 -30.42 3.83 27.14
C VAL B 136 -29.03 4.44 27.04
N ALA B 137 -28.12 3.77 26.32
CA ALA B 137 -26.81 4.36 26.06
C ALA B 137 -26.96 5.74 25.41
N MET B 138 -27.81 5.83 24.38
CA MET B 138 -28.09 7.12 23.77
C MET B 138 -28.51 8.15 24.80
N ASN B 139 -29.49 7.80 25.66
CA ASN B 139 -29.92 8.76 26.66
C ASN B 139 -28.77 9.09 27.60
N LYS B 140 -27.98 8.08 27.96
CA LYS B 140 -26.85 8.39 28.84
C LYS B 140 -25.86 9.32 28.16
N LEU B 141 -25.54 9.07 26.88
CA LEU B 141 -24.64 9.97 26.16
C LEU B 141 -25.20 11.39 26.11
N ILE B 142 -26.46 11.54 25.68
CA ILE B 142 -27.09 12.86 25.64
C ILE B 142 -27.00 13.54 26.99
N ALA B 143 -27.35 12.83 28.06
CA ALA B 143 -27.33 13.46 29.36
C ALA B 143 -25.92 13.87 29.74
N HIS B 144 -24.94 13.01 29.47
CA HIS B 144 -23.60 13.30 29.96
C HIS B 144 -23.08 14.62 29.39
N VAL B 145 -23.40 14.91 28.13
CA VAL B 145 -22.88 16.14 27.52
C VAL B 145 -23.73 17.35 27.87
N GLY B 146 -24.88 17.16 28.51
CA GLY B 146 -25.69 18.29 28.94
C GLY B 146 -27.10 18.31 28.37
N GLY B 147 -27.51 17.29 27.62
CA GLY B 147 -28.85 17.23 27.10
C GLY B 147 -28.94 17.58 25.64
N PRO B 148 -30.13 17.46 25.06
CA PRO B 148 -30.22 17.50 23.59
C PRO B 148 -29.69 18.79 23.00
N ALA B 149 -29.95 19.92 23.64
CA ALA B 149 -29.41 21.17 23.13
C ALA B 149 -27.90 21.10 23.01
N SER B 150 -27.25 20.45 23.98
CA SER B 150 -25.80 20.36 23.97
CA SER B 150 -25.79 20.38 23.95
C SER B 150 -25.30 19.45 22.84
N VAL B 151 -26.09 18.46 22.45
CA VAL B 151 -25.71 17.75 21.24
C VAL B 151 -25.85 18.68 20.05
N THR B 152 -26.94 19.44 20.00
CA THR B 152 -27.14 20.38 18.90
C THR B 152 -26.07 21.45 18.92
N ALA B 153 -25.69 21.91 20.11
CA ALA B 153 -24.55 22.79 20.17
C ALA B 153 -23.32 22.16 19.50
N PHE B 154 -23.10 20.85 19.72
CA PHE B 154 -21.89 20.23 19.17
C PHE B 154 -21.92 20.23 17.65
N ALA B 155 -23.05 19.85 17.06
CA ALA B 155 -23.29 20.02 15.64
C ALA B 155 -22.86 21.40 15.16
N ARG B 156 -23.28 22.45 15.88
CA ARG B 156 -22.97 23.80 15.44
C ARG B 156 -21.46 24.07 15.44
N GLN B 157 -20.77 23.60 16.46
CA GLN B 157 -19.33 23.86 16.54
C GLN B 157 -18.61 23.24 15.36
N LEU B 158 -19.20 22.19 14.78
CA LEU B 158 -18.67 21.58 13.57
C LEU B 158 -18.95 22.42 12.33
N GLY B 159 -19.85 23.39 12.44
CA GLY B 159 -20.38 24.04 11.28
C GLY B 159 -21.60 23.37 10.69
N ASP B 160 -22.12 22.33 11.33
CA ASP B 160 -23.40 21.78 10.91
C ASP B 160 -24.50 22.71 11.42
N GLU B 161 -25.22 23.35 10.48
CA GLU B 161 -26.23 24.33 10.85
C GLU B 161 -27.64 23.80 10.66
N THR B 162 -27.79 22.54 10.29
CA THR B 162 -29.08 21.94 9.97
C THR B 162 -29.53 20.90 10.98
N PHE B 163 -28.58 20.12 11.51
CA PHE B 163 -28.86 19.14 12.54
C PHE B 163 -29.56 19.80 13.74
N ARG B 164 -30.64 19.17 14.20
CA ARG B 164 -31.31 19.58 15.44
C ARG B 164 -31.76 18.35 16.19
N LEU B 165 -31.31 18.24 17.44
CA LEU B 165 -31.71 17.16 18.34
C LEU B 165 -32.56 17.78 19.44
N ASP B 166 -33.80 17.37 19.54
CA ASP B 166 -34.74 18.04 20.43
C ASP B 166 -35.22 17.17 21.58
N ARG B 167 -35.36 15.87 21.37
CA ARG B 167 -35.91 14.98 22.38
C ARG B 167 -34.89 13.90 22.72
N THR B 168 -35.16 13.16 23.77
CA THR B 168 -34.33 12.05 24.17
C THR B 168 -34.94 10.77 23.63
N GLU B 169 -34.43 9.61 24.08
CA GLU B 169 -35.11 8.44 23.53
C GLU B 169 -36.18 7.96 24.50
N PRO B 170 -37.28 7.35 24.03
CA PRO B 170 -37.50 6.90 22.65
C PRO B 170 -38.24 7.87 21.76
N THR B 171 -38.61 9.02 22.32
CA THR B 171 -39.50 9.91 21.61
C THR B 171 -38.85 10.69 20.47
N LEU B 172 -37.52 10.69 20.35
CA LEU B 172 -37.00 11.45 19.21
C LEU B 172 -37.19 10.72 17.89
N ASN B 173 -37.79 9.53 17.91
CA ASN B 173 -38.10 8.79 16.71
C ASN B 173 -39.55 8.95 16.26
N THR B 174 -40.31 9.90 16.83
CA THR B 174 -41.70 10.07 16.38
C THR B 174 -41.75 10.19 14.85
N ALA B 175 -40.87 11.02 14.28
CA ALA B 175 -40.72 11.09 12.82
C ALA B 175 -42.05 11.40 12.16
N ILE B 176 -42.73 12.39 12.69
CA ILE B 176 -44.08 12.75 12.26
C ILE B 176 -43.95 13.69 11.07
N PRO B 177 -44.56 13.38 9.93
CA PRO B 177 -44.41 14.23 8.75
C PRO B 177 -44.58 15.70 9.08
N GLY B 178 -43.69 16.53 8.53
CA GLY B 178 -43.73 17.95 8.78
C GLY B 178 -43.18 18.42 10.10
N ASP B 179 -42.95 17.51 11.05
CA ASP B 179 -42.38 17.88 12.35
C ASP B 179 -40.86 18.02 12.24
N PRO B 180 -40.30 19.21 12.44
CA PRO B 180 -38.86 19.39 12.31
C PRO B 180 -38.03 18.86 13.46
N ARG B 181 -38.65 18.36 14.54
CA ARG B 181 -37.87 18.01 15.71
C ARG B 181 -37.02 16.80 15.41
N ASP B 182 -35.75 16.87 15.83
CA ASP B 182 -34.83 15.76 15.66
C ASP B 182 -34.70 15.41 14.19
N THR B 183 -34.47 16.44 13.36
CA THR B 183 -34.32 16.29 11.92
C THR B 183 -32.94 16.76 11.46
N THR B 184 -32.63 16.38 10.22
CA THR B 184 -31.56 17.03 9.45
C THR B 184 -31.75 16.70 7.97
N SER B 185 -30.83 17.32 7.08
CA SER B 185 -30.88 17.01 5.66
C SER B 185 -29.86 15.94 5.33
N PRO B 186 -30.10 15.12 4.29
CA PRO B 186 -29.05 14.20 3.85
C PRO B 186 -27.75 14.92 3.53
N ARG B 187 -27.81 16.13 2.98
CA ARG B 187 -26.57 16.79 2.64
C ARG B 187 -25.77 17.11 3.89
N ALA B 188 -26.45 17.69 4.90
CA ALA B 188 -25.82 18.11 6.14
C ALA B 188 -25.21 16.92 6.88
N MET B 189 -25.97 15.83 7.01
CA MET B 189 -25.42 14.68 7.69
C MET B 189 -24.27 14.05 6.89
N ALA B 190 -24.33 14.08 5.56
CA ALA B 190 -23.20 13.60 4.75
C ALA B 190 -21.95 14.44 4.99
N GLN B 191 -22.09 15.76 4.88
CA GLN B 191 -20.95 16.62 5.19
C GLN B 191 -20.45 16.44 6.61
N THR B 192 -21.36 16.19 7.57
CA THR B 192 -20.86 16.06 8.93
C THR B 192 -20.27 14.68 9.18
N LEU B 193 -20.86 13.62 8.62
CA LEU B 193 -20.25 12.30 8.75
C LEU B 193 -18.88 12.26 8.07
N ARG B 194 -18.75 12.94 6.93
CA ARG B 194 -17.43 13.07 6.31
C ARG B 194 -16.47 13.73 7.28
N ASN B 195 -16.89 14.86 7.85
CA ASN B 195 -16.03 15.62 8.73
C ASN B 195 -15.62 14.80 9.93
N LEU B 196 -16.53 13.95 10.43
CA LEU B 196 -16.27 13.23 11.68
C LEU B 196 -15.42 11.99 11.46
N THR B 197 -15.70 11.21 10.42
CA THR B 197 -15.03 9.93 10.21
C THR B 197 -13.80 9.99 9.32
N LEU B 198 -13.67 11.01 8.49
CA LEU B 198 -12.50 11.16 7.65
C LEU B 198 -11.74 12.44 7.91
N GLY B 199 -12.45 13.52 8.24
CA GLY B 199 -11.86 14.83 8.41
C GLY B 199 -11.38 15.11 9.82
N LYS B 200 -11.36 16.41 10.15
CA LYS B 200 -10.63 16.93 11.30
C LYS B 200 -11.52 17.32 12.47
N ALA B 201 -12.82 16.99 12.45
CA ALA B 201 -13.70 17.36 13.56
C ALA B 201 -13.17 16.82 14.89
N LEU B 202 -12.57 15.62 14.86
CA LEU B 202 -12.10 14.94 16.06
C LEU B 202 -10.60 14.69 15.97
N GLY B 203 -9.96 14.52 17.12
CA GLY B 203 -8.57 14.09 17.12
C GLY B 203 -8.43 12.75 16.42
N ASP B 204 -7.18 12.41 16.10
CA ASP B 204 -6.96 11.20 15.33
C ASP B 204 -7.35 9.95 16.11
N SER B 205 -7.02 9.90 17.40
CA SER B 205 -7.49 8.78 18.21
C SER B 205 -9.02 8.77 18.24
N GLN B 206 -9.63 9.92 18.58
CA GLN B 206 -11.08 10.00 18.62
C GLN B 206 -11.71 9.62 17.30
N ARG B 207 -11.14 10.13 16.20
CA ARG B 207 -11.65 9.81 14.87
CA ARG B 207 -11.68 9.80 14.88
C ARG B 207 -11.59 8.31 14.58
N ALA B 208 -10.45 7.69 14.90
CA ALA B 208 -10.28 6.27 14.64
C ALA B 208 -11.26 5.43 15.46
N GLN B 209 -11.42 5.79 16.74
CA GLN B 209 -12.36 5.10 17.63
C GLN B 209 -13.79 5.13 17.06
N LEU B 210 -14.24 6.30 16.61
CA LEU B 210 -15.55 6.34 15.95
C LEU B 210 -15.64 5.34 14.82
N VAL B 211 -14.68 5.40 13.87
CA VAL B 211 -14.70 4.51 12.71
C VAL B 211 -14.63 3.07 13.17
N THR B 212 -13.78 2.76 14.13
CA THR B 212 -13.79 1.40 14.64
C THR B 212 -15.20 1.02 15.12
N TRP B 213 -15.78 1.88 15.95
CA TRP B 213 -17.11 1.61 16.47
C TRP B 213 -18.07 1.35 15.33
N MET B 214 -18.10 2.23 14.33
CA MET B 214 -19.12 2.09 13.28
C MET B 214 -18.86 0.89 12.40
N LYS B 215 -17.60 0.49 12.24
CA LYS B 215 -17.31 -0.68 11.42
C LYS B 215 -17.78 -1.95 12.09
N GLY B 216 -17.96 -1.92 13.40
CA GLY B 216 -18.49 -3.07 14.13
C GLY B 216 -19.95 -2.94 14.50
N ASN B 217 -20.70 -2.19 13.70
CA ASN B 217 -22.14 -2.13 13.85
C ASN B 217 -22.75 -3.49 13.60
N THR B 218 -23.64 -3.94 14.50
CA THR B 218 -24.37 -5.19 14.31
C THR B 218 -25.75 -5.02 13.66
N THR B 219 -26.22 -3.79 13.43
CA THR B 219 -27.59 -3.60 12.99
C THR B 219 -27.76 -3.26 11.51
N GLY B 220 -26.68 -3.17 10.73
CA GLY B 220 -26.84 -2.63 9.39
C GLY B 220 -26.79 -3.59 8.22
N ALA B 221 -26.90 -4.90 8.48
CA ALA B 221 -26.66 -5.86 7.42
C ALA B 221 -27.65 -5.74 6.27
N ALA B 222 -28.88 -5.32 6.55
CA ALA B 222 -29.92 -5.35 5.54
C ALA B 222 -30.09 -4.00 4.85
N SER B 223 -29.39 -2.97 5.31
CA SER B 223 -29.58 -1.62 4.82
C SER B 223 -28.49 -1.32 3.78
N ILE B 224 -27.78 -0.18 3.85
CA ILE B 224 -26.79 0.18 2.83
C ILE B 224 -25.90 -0.99 2.50
N GLN B 225 -25.49 -1.75 3.52
CA GLN B 225 -24.62 -2.90 3.30
C GLN B 225 -25.19 -3.82 2.23
N ALA B 226 -26.46 -4.16 2.35
CA ALA B 226 -27.08 -5.12 1.44
C ALA B 226 -27.00 -4.68 -0.01
N GLY B 227 -26.81 -3.39 -0.27
CA GLY B 227 -26.73 -2.90 -1.65
C GLY B 227 -25.34 -2.85 -2.24
N LEU B 228 -24.30 -3.13 -1.43
CA LEU B 228 -22.92 -2.96 -1.83
C LEU B 228 -22.23 -4.30 -2.06
N PRO B 229 -21.26 -4.35 -2.96
CA PRO B 229 -20.45 -5.57 -3.10
C PRO B 229 -19.89 -6.01 -1.77
N ALA B 230 -19.99 -7.32 -1.51
CA ALA B 230 -19.52 -7.86 -0.23
C ALA B 230 -18.10 -7.45 0.11
N SER B 231 -17.29 -7.07 -0.87
CA SER B 231 -15.86 -6.81 -0.66
C SER B 231 -15.58 -5.48 0.00
N TRP B 232 -16.57 -4.60 0.15
CA TRP B 232 -16.36 -3.24 0.61
C TRP B 232 -16.42 -3.14 2.13
N VAL B 233 -15.53 -2.32 2.70
CA VAL B 233 -15.56 -2.05 4.13
C VAL B 233 -16.64 -1.00 4.40
N VAL B 234 -17.51 -1.26 5.38
CA VAL B 234 -18.58 -0.34 5.71
C VAL B 234 -18.58 -0.08 7.19
N GLY B 235 -18.78 1.18 7.55
CA GLY B 235 -19.13 1.55 8.91
C GLY B 235 -20.38 2.39 8.79
N ASP B 236 -21.45 2.01 9.49
CA ASP B 236 -22.75 2.63 9.29
C ASP B 236 -23.51 2.68 10.62
N LYS B 237 -24.49 3.58 10.67
CA LYS B 237 -25.43 3.65 11.79
C LYS B 237 -26.82 3.64 11.20
N THR B 238 -27.57 2.58 11.47
CA THR B 238 -28.98 2.54 11.07
C THR B 238 -29.81 3.47 11.97
N GLY B 239 -31.07 3.61 11.60
CA GLY B 239 -32.01 4.43 12.34
C GLY B 239 -33.41 4.14 11.82
N SER B 240 -34.40 4.07 12.70
CA SER B 240 -35.72 3.66 12.28
C SER B 240 -36.73 4.04 13.36
N GLY B 241 -37.83 4.68 12.96
CA GLY B 241 -38.84 5.15 13.89
C GLY B 241 -40.22 5.17 13.29
N GLY B 242 -41.07 6.07 13.80
CA GLY B 242 -42.43 6.19 13.33
C GLY B 242 -42.57 6.36 11.83
N TYR B 243 -43.66 5.85 11.27
CA TYR B 243 -43.95 6.03 9.85
C TYR B 243 -43.03 5.20 8.97
N GLY B 244 -42.57 4.06 9.49
CA GLY B 244 -41.64 3.20 8.78
C GLY B 244 -40.40 3.93 8.28
N THR B 245 -39.96 4.93 9.05
CA THR B 245 -38.77 5.67 8.68
C THR B 245 -37.54 4.79 8.85
N THR B 246 -36.80 4.58 7.76
CA THR B 246 -35.68 3.66 7.74
C THR B 246 -34.47 4.38 7.17
N ASN B 247 -33.35 4.27 7.86
CA ASN B 247 -32.25 5.19 7.66
C ASN B 247 -30.95 4.44 7.81
N ASP B 248 -29.91 5.01 7.21
CA ASP B 248 -28.55 4.50 7.28
C ASP B 248 -27.62 5.63 6.89
N ILE B 249 -26.58 5.86 7.69
CA ILE B 249 -25.48 6.72 7.29
C ILE B 249 -24.20 5.90 7.45
N ALA B 250 -23.29 6.05 6.48
CA ALA B 250 -22.23 5.07 6.34
C ALA B 250 -21.00 5.72 5.70
N VAL B 251 -19.82 5.34 6.18
CA VAL B 251 -18.57 5.59 5.47
C VAL B 251 -18.13 4.27 4.87
N ILE B 252 -17.70 4.31 3.63
CA ILE B 252 -17.54 3.10 2.85
C ILE B 252 -16.22 3.14 2.11
N TRP B 253 -15.46 2.05 2.21
CA TRP B 253 -14.23 1.90 1.44
C TRP B 253 -14.48 0.85 0.37
N PRO B 254 -14.72 1.25 -0.87
CA PRO B 254 -14.77 0.26 -1.94
C PRO B 254 -13.39 -0.34 -2.17
N LYS B 255 -13.38 -1.53 -2.75
CA LYS B 255 -12.12 -2.19 -3.12
C LYS B 255 -11.21 -1.21 -3.86
N ASP B 256 -10.01 -1.01 -3.31
CA ASP B 256 -9.00 -0.20 -3.97
C ASP B 256 -9.58 1.13 -4.42
N ARG B 257 -10.06 1.89 -3.45
CA ARG B 257 -10.68 3.16 -3.78
CA ARG B 257 -10.71 3.15 -3.77
C ARG B 257 -10.74 4.03 -2.54
N ALA B 258 -10.94 5.32 -2.76
CA ALA B 258 -11.07 6.24 -1.66
C ALA B 258 -12.45 6.08 -1.04
N PRO B 259 -12.61 6.52 0.18
CA PRO B 259 -13.89 6.27 0.89
C PRO B 259 -15.05 7.08 0.32
N LEU B 260 -16.25 6.51 0.46
CA LEU B 260 -17.47 7.23 0.15
C LEU B 260 -18.20 7.55 1.46
N ILE B 261 -18.96 8.65 1.47
CA ILE B 261 -19.91 8.97 2.54
C ILE B 261 -21.30 8.93 1.93
N LEU B 262 -22.17 8.11 2.50
CA LEU B 262 -23.51 7.88 1.98
C LEU B 262 -24.53 8.01 3.10
N VAL B 263 -25.51 8.89 2.92
CA VAL B 263 -26.70 8.98 3.76
C VAL B 263 -27.89 8.50 2.93
N THR B 264 -28.64 7.53 3.46
CA THR B 264 -29.90 7.14 2.86
C THR B 264 -30.98 7.27 3.95
N TYR B 265 -31.78 8.33 3.87
CA TYR B 265 -32.93 8.53 4.73
C TYR B 265 -34.20 8.16 3.96
N PHE B 266 -35.18 7.60 4.65
CA PHE B 266 -36.41 7.17 4.00
C PHE B 266 -37.57 7.19 4.99
N THR B 267 -38.70 7.76 4.59
CA THR B 267 -39.88 7.82 5.45
C THR B 267 -41.15 7.67 4.64
N GLN B 268 -42.26 7.44 5.34
CA GLN B 268 -43.47 7.12 4.60
C GLN B 268 -44.68 7.90 5.09
N PRO B 269 -45.89 7.58 4.61
CA PRO B 269 -47.05 8.41 4.96
C PRO B 269 -47.86 7.85 6.11
N GLN B 270 -47.86 6.52 6.31
CA GLN B 270 -48.74 5.90 7.29
C GLN B 270 -48.00 5.51 8.57
N PRO B 271 -48.50 5.91 9.73
CA PRO B 271 -47.68 5.85 10.96
C PRO B 271 -47.16 4.47 11.31
N LYS B 272 -47.89 3.39 10.98
CA LYS B 272 -47.39 2.05 11.25
C LYS B 272 -46.83 1.37 10.00
N ALA B 273 -46.37 2.15 9.03
CA ALA B 273 -45.75 1.57 7.85
C ALA B 273 -44.62 0.64 8.26
N GLU B 274 -44.56 -0.54 7.63
CA GLU B 274 -43.43 -1.44 7.84
C GLU B 274 -42.11 -0.73 7.59
N SER B 275 -41.02 -1.29 8.11
CA SER B 275 -39.69 -0.74 7.85
C SER B 275 -39.17 -1.21 6.50
N ARG B 276 -38.55 -0.29 5.76
CA ARG B 276 -38.07 -0.61 4.41
C ARG B 276 -36.56 -0.53 4.26
N ARG B 277 -35.82 -1.41 4.95
CA ARG B 277 -34.38 -1.38 4.80
C ARG B 277 -33.93 -1.95 3.45
N ASP B 278 -34.81 -2.67 2.75
CA ASP B 278 -34.48 -3.09 1.39
C ASP B 278 -34.41 -1.88 0.47
N VAL B 279 -35.00 -0.77 0.86
CA VAL B 279 -34.97 0.39 0.00
C VAL B 279 -33.62 1.10 0.10
N LEU B 280 -33.16 1.38 1.32
CA LEU B 280 -31.82 1.91 1.49
C LEU B 280 -30.81 1.12 0.68
N ALA B 281 -30.91 -0.21 0.72
CA ALA B 281 -29.98 -1.04 -0.03
C ALA B 281 -30.07 -0.77 -1.53
N SER B 282 -31.29 -0.86 -2.08
CA SER B 282 -31.48 -0.50 -3.49
C SER B 282 -30.84 0.85 -3.80
N ALA B 283 -31.14 1.86 -2.98
CA ALA B 283 -30.53 3.17 -3.18
C ALA B 283 -29.02 3.06 -3.16
N ALA B 284 -28.50 2.25 -2.24
CA ALA B 284 -27.05 2.08 -2.13
C ALA B 284 -26.48 1.46 -3.41
N LYS B 285 -27.13 0.41 -3.91
CA LYS B 285 -26.64 -0.19 -5.13
C LYS B 285 -26.80 0.76 -6.32
N ILE B 286 -27.92 1.47 -6.41
CA ILE B 286 -28.10 2.39 -7.53
C ILE B 286 -26.98 3.43 -7.55
N VAL B 287 -26.67 4.04 -6.42
CA VAL B 287 -25.73 5.17 -6.41
C VAL B 287 -24.27 4.76 -6.35
N THR B 288 -23.97 3.47 -6.18
CA THR B 288 -22.58 3.07 -6.15
C THR B 288 -22.18 2.25 -7.37
N ASP B 289 -23.04 2.12 -8.37
CA ASP B 289 -22.64 1.32 -9.51
C ASP B 289 -21.60 2.07 -10.33
N GLY B 290 -20.53 1.36 -10.68
CA GLY B 290 -19.38 1.93 -11.34
C GLY B 290 -18.23 2.28 -10.42
N LEU B 291 -18.50 2.47 -9.12
CA LEU B 291 -17.53 3.04 -8.19
C LEU B 291 -16.54 2.02 -7.63
N THR C 30 40.77 -25.01 -20.39
CA THR C 30 41.96 -25.78 -20.72
C THR C 30 42.69 -26.16 -19.42
N ALA C 31 42.24 -25.57 -18.31
CA ALA C 31 42.83 -25.73 -16.98
C ALA C 31 42.68 -24.45 -16.17
N ASP C 32 42.15 -23.41 -16.81
CA ASP C 32 42.45 -22.04 -16.42
C ASP C 32 41.36 -21.39 -15.58
N VAL C 33 40.09 -21.76 -15.74
CA VAL C 33 39.07 -21.22 -14.83
C VAL C 33 39.52 -21.43 -13.40
N GLN C 34 40.02 -22.62 -13.09
CA GLN C 34 40.49 -22.89 -11.74
C GLN C 34 41.53 -21.85 -11.32
N GLN C 35 42.55 -21.65 -12.14
CA GLN C 35 43.60 -20.71 -11.77
C GLN C 35 43.09 -19.29 -11.68
N LYS C 36 41.98 -18.96 -12.36
CA LYS C 36 41.45 -17.61 -12.22
C LYS C 36 40.63 -17.48 -10.95
N LEU C 37 39.81 -18.50 -10.61
CA LEU C 37 39.17 -18.49 -9.30
C LEU C 37 40.22 -18.54 -8.19
N ALA C 38 41.33 -19.24 -8.41
CA ALA C 38 42.37 -19.34 -7.38
C ALA C 38 42.95 -17.97 -7.05
N GLU C 39 43.33 -17.21 -8.08
CA GLU C 39 43.92 -15.91 -7.83
C GLU C 39 42.87 -14.87 -7.46
N LEU C 40 41.62 -15.08 -7.86
CA LEU C 40 40.53 -14.28 -7.31
C LEU C 40 40.36 -14.55 -5.82
N GLU C 41 40.56 -15.81 -5.39
CA GLU C 41 40.49 -16.12 -3.97
C GLU C 41 41.66 -15.49 -3.22
N ARG C 42 42.89 -15.76 -3.69
CA ARG C 42 44.05 -15.06 -3.14
C ARG C 42 43.83 -13.56 -3.13
N GLN C 43 43.22 -13.04 -4.19
CA GLN C 43 43.00 -11.60 -4.32
C GLN C 43 42.20 -11.05 -3.15
N SER C 44 41.13 -11.75 -2.75
CA SER C 44 40.19 -11.23 -1.76
C SER C 44 40.54 -11.64 -0.33
N GLY C 45 41.63 -12.37 -0.12
CA GLY C 45 42.05 -12.74 1.21
C GLY C 45 41.02 -13.56 1.95
N GLY C 46 39.98 -13.96 1.25
CA GLY C 46 38.91 -14.75 1.81
C GLY C 46 39.01 -16.21 1.45
N ARG C 47 37.87 -16.90 1.47
CA ARG C 47 37.77 -18.29 1.05
C ARG C 47 36.50 -18.41 0.22
N LEU C 48 36.65 -19.00 -0.98
CA LEU C 48 35.66 -18.97 -2.05
C LEU C 48 35.10 -20.37 -2.30
N GLY C 49 33.86 -20.42 -2.76
CA GLY C 49 33.20 -21.68 -3.06
C GLY C 49 32.29 -21.53 -4.26
N VAL C 50 32.47 -22.36 -5.29
CA VAL C 50 31.68 -22.25 -6.51
C VAL C 50 31.18 -23.63 -6.90
N ALA C 51 29.96 -23.69 -7.40
CA ALA C 51 29.46 -24.92 -7.99
C ALA C 51 28.51 -24.51 -9.10
N LEU C 52 28.94 -24.69 -10.34
CA LEU C 52 28.15 -24.34 -11.52
C LEU C 52 27.73 -25.62 -12.21
N ILE C 53 26.44 -25.72 -12.47
CA ILE C 53 25.88 -26.78 -13.28
C ILE C 53 25.45 -26.15 -14.59
N ASN C 54 25.96 -26.69 -15.69
CA ASN C 54 25.51 -26.34 -17.03
C ASN C 54 24.50 -27.38 -17.46
N THR C 55 23.22 -27.01 -17.51
CA THR C 55 22.19 -27.98 -17.87
C THR C 55 22.29 -28.44 -19.33
N ALA C 56 23.17 -27.83 -20.13
CA ALA C 56 23.39 -28.28 -21.50
C ALA C 56 23.88 -29.72 -21.48
N ASP C 57 25.12 -29.93 -21.04
CA ASP C 57 25.74 -31.24 -20.95
C ASP C 57 25.79 -31.75 -19.52
N ASN C 58 24.96 -31.22 -18.64
CA ASN C 58 24.92 -31.61 -17.22
C ASN C 58 26.32 -31.65 -16.59
N SER C 59 27.23 -30.80 -17.09
CA SER C 59 28.60 -30.72 -16.59
C SER C 59 28.69 -29.68 -15.49
N GLN C 60 29.84 -29.67 -14.79
CA GLN C 60 29.96 -28.81 -13.62
C GLN C 60 31.34 -28.22 -13.54
N ILE C 61 31.40 -27.00 -13.02
CA ILE C 61 32.63 -26.35 -12.62
C ILE C 61 32.58 -26.22 -11.11
N LEU C 62 33.66 -26.61 -10.45
CA LEU C 62 33.65 -26.80 -9.01
C LEU C 62 34.93 -26.24 -8.43
N TYR C 63 34.78 -25.38 -7.43
CA TYR C 63 35.91 -24.79 -6.73
C TYR C 63 35.58 -24.88 -5.25
N ARG C 64 36.21 -25.81 -4.55
CA ARG C 64 35.89 -26.08 -3.15
C ARG C 64 34.43 -26.48 -2.99
N ALA C 65 33.85 -27.04 -4.06
CA ALA C 65 32.43 -27.33 -4.07
C ALA C 65 32.02 -28.32 -2.98
N ASP C 66 32.96 -28.98 -2.32
CA ASP C 66 32.60 -29.92 -1.27
C ASP C 66 32.86 -29.40 0.14
N GLU C 67 33.46 -28.22 0.29
CA GLU C 67 33.67 -27.62 1.60
C GLU C 67 32.38 -26.95 2.08
N ARG C 68 32.23 -26.89 3.39
CA ARG C 68 31.02 -26.31 3.99
C ARG C 68 31.18 -24.81 4.12
N PHE C 69 30.14 -24.07 3.75
CA PHE C 69 30.05 -22.65 4.05
C PHE C 69 28.73 -22.43 4.80
N ALA C 70 28.69 -21.34 5.60
CA ALA C 70 27.46 -20.97 6.30
C ALA C 70 26.51 -20.26 5.34
N MET C 71 25.33 -20.85 5.11
CA MET C 71 24.47 -20.38 4.04
C MET C 71 24.01 -18.95 4.24
N CYS C 72 23.75 -18.56 5.49
CA CYS C 72 23.11 -17.28 5.83
C CYS C 72 21.77 -17.22 5.09
N SER C 73 21.45 -16.09 4.46
CA SER C 73 20.13 -15.92 3.86
C SER C 73 19.82 -16.95 2.77
N THR C 74 20.83 -17.55 2.14
CA THR C 74 20.49 -18.39 1.01
C THR C 74 19.70 -19.61 1.45
N SER C 75 19.71 -19.93 2.74
CA SER C 75 18.84 -20.98 3.27
C SER C 75 17.37 -20.63 3.19
N LYS C 76 17.01 -19.38 2.94
CA LYS C 76 15.60 -19.06 2.83
C LYS C 76 14.94 -19.71 1.61
N VAL C 77 15.72 -20.06 0.58
CA VAL C 77 15.17 -20.83 -0.53
C VAL C 77 14.61 -22.15 -0.02
N MET C 78 15.42 -22.88 0.76
CA MET C 78 14.97 -24.19 1.24
C MET C 78 13.78 -24.06 2.18
N ALA C 79 13.80 -23.07 3.08
CA ALA C 79 12.62 -22.84 3.92
C ALA C 79 11.39 -22.53 3.08
N ALA C 80 11.52 -21.62 2.12
CA ALA C 80 10.41 -21.35 1.20
C ALA C 80 10.02 -22.61 0.43
N ALA C 81 11.01 -23.40 -0.01
CA ALA C 81 10.69 -24.58 -0.81
C ALA C 81 9.99 -25.63 0.02
N ALA C 82 10.39 -25.79 1.28
CA ALA C 82 9.68 -26.73 2.14
C ALA C 82 8.22 -26.36 2.26
N VAL C 83 7.92 -25.05 2.34
CA VAL C 83 6.52 -24.65 2.37
C VAL C 83 5.84 -24.96 1.03
N LEU C 84 6.55 -24.76 -0.09
CA LEU C 84 5.97 -25.13 -1.39
C LEU C 84 5.61 -26.61 -1.41
N LYS C 85 6.54 -27.47 -0.95
CA LYS C 85 6.28 -28.90 -0.94
C LYS C 85 5.03 -29.22 -0.12
N LYS C 86 5.01 -28.75 1.14
CA LYS C 86 3.87 -29.01 2.03
C LYS C 86 2.57 -28.53 1.39
N SER C 87 2.62 -27.47 0.61
CA SER C 87 1.43 -26.97 -0.06
C SER C 87 0.87 -27.95 -1.09
N GLU C 88 1.69 -28.88 -1.58
CA GLU C 88 1.17 -29.85 -2.54
C GLU C 88 0.10 -30.71 -1.90
N SER C 89 0.29 -31.08 -0.65
CA SER C 89 -0.70 -31.88 0.05
C SER C 89 -1.54 -31.07 1.03
N GLU C 90 -1.25 -29.78 1.23
CA GLU C 90 -2.18 -28.89 1.93
C GLU C 90 -2.52 -27.78 0.95
N PRO C 91 -3.55 -27.97 0.11
CA PRO C 91 -3.69 -27.12 -1.08
C PRO C 91 -3.81 -25.63 -0.77
N ASN C 92 -4.48 -25.26 0.32
CA ASN C 92 -4.67 -23.85 0.63
C ASN C 92 -3.48 -23.20 1.31
N LEU C 93 -2.53 -24.00 1.79
CA LEU C 93 -1.45 -23.55 2.66
C LEU C 93 -0.92 -22.17 2.33
N LEU C 94 -0.73 -21.85 1.06
CA LEU C 94 -0.04 -20.60 0.77
C LEU C 94 -0.85 -19.37 1.13
N ASN C 95 -2.16 -19.53 1.38
CA ASN C 95 -3.02 -18.43 1.80
C ASN C 95 -3.27 -18.42 3.31
N GLN C 96 -2.71 -19.34 4.06
CA GLN C 96 -2.83 -19.29 5.52
C GLN C 96 -2.28 -17.97 6.03
N ARG C 97 -3.08 -17.26 6.83
CA ARG C 97 -2.60 -16.02 7.44
C ARG C 97 -1.74 -16.33 8.66
N VAL C 98 -0.68 -15.54 8.85
CA VAL C 98 0.21 -15.66 10.00
C VAL C 98 0.32 -14.31 10.68
N GLU C 99 0.07 -14.29 11.99
CA GLU C 99 0.10 -13.07 12.78
C GLU C 99 1.52 -12.51 12.92
N ILE C 100 1.66 -11.21 12.73
CA ILE C 100 2.93 -10.51 12.92
C ILE C 100 2.80 -9.67 14.18
N LYS C 101 3.37 -10.12 15.29
CA LYS C 101 3.31 -9.39 16.56
C LYS C 101 4.50 -8.45 16.70
N LYS C 102 4.35 -7.44 17.57
CA LYS C 102 5.45 -6.51 17.79
C LYS C 102 6.70 -7.26 18.23
N SER C 103 6.54 -8.29 19.06
CA SER C 103 7.67 -9.04 19.54
C SER C 103 8.39 -9.78 18.42
N ASP C 104 7.69 -10.11 17.34
CA ASP C 104 8.32 -10.85 16.25
C ASP C 104 9.50 -10.09 15.67
N LEU C 105 9.36 -8.78 15.54
CA LEU C 105 10.40 -7.98 14.89
C LEU C 105 11.79 -8.34 15.40
N VAL C 106 12.64 -8.81 14.47
CA VAL C 106 14.02 -9.11 14.80
C VAL C 106 14.89 -8.01 14.22
N ASN C 107 16.09 -8.37 13.77
CA ASN C 107 17.08 -7.38 13.36
C ASN C 107 16.83 -6.80 11.97
N TYR C 108 15.94 -7.41 11.19
CA TYR C 108 15.64 -6.92 9.85
C TYR C 108 14.34 -7.57 9.40
N ASN C 109 13.48 -6.77 8.76
CA ASN C 109 12.15 -7.28 8.40
C ASN C 109 11.31 -6.18 7.77
N PRO C 110 11.73 -5.67 6.62
CA PRO C 110 11.05 -4.53 5.99
C PRO C 110 9.66 -4.85 5.47
N ILE C 111 9.27 -6.11 5.33
CA ILE C 111 7.93 -6.44 4.88
C ILE C 111 7.00 -6.75 6.06
N ALA C 112 7.52 -7.42 7.09
CA ALA C 112 6.66 -7.81 8.20
C ALA C 112 6.25 -6.59 9.02
N GLU C 113 7.17 -5.65 9.21
CA GLU C 113 6.89 -4.44 9.98
C GLU C 113 5.75 -3.64 9.37
N LYS C 114 5.46 -3.82 8.10
CA LYS C 114 4.28 -3.22 7.48
C LYS C 114 3.01 -3.87 7.97
N HIS C 115 3.11 -4.97 8.73
CA HIS C 115 1.94 -5.75 9.06
C HIS C 115 1.87 -6.11 10.54
N VAL C 116 2.63 -5.42 11.39
CA VAL C 116 2.55 -5.71 12.82
C VAL C 116 1.12 -5.58 13.31
N ASN C 117 0.74 -6.43 14.26
CA ASN C 117 -0.63 -6.54 14.72
C ASN C 117 -1.60 -6.88 13.60
N GLY C 118 -1.10 -7.41 12.49
CA GLY C 118 -1.96 -7.91 11.43
C GLY C 118 -1.51 -9.26 10.92
N THR C 119 -1.89 -9.63 9.70
CA THR C 119 -1.43 -10.91 9.17
C THR C 119 -0.60 -10.74 7.90
N MET C 120 0.04 -11.84 7.51
CA MET C 120 0.67 -12.03 6.20
C MET C 120 0.36 -13.44 5.77
N SER C 121 0.00 -13.63 4.49
CA SER C 121 -0.11 -14.99 4.01
C SER C 121 1.26 -15.65 3.97
N LEU C 122 1.26 -16.98 4.11
CA LEU C 122 2.50 -17.73 3.86
C LEU C 122 3.09 -17.40 2.49
N ALA C 123 2.24 -17.11 1.50
CA ALA C 123 2.78 -16.68 0.21
C ALA C 123 3.42 -15.32 0.30
N GLU C 124 2.93 -14.45 1.18
CA GLU C 124 3.59 -13.16 1.32
C GLU C 124 4.90 -13.29 2.09
N LEU C 125 4.89 -14.11 3.14
CA LEU C 125 6.11 -14.39 3.88
C LEU C 125 7.15 -15.08 3.00
N SER C 126 6.70 -16.03 2.19
CA SER C 126 7.60 -16.65 1.20
C SER C 126 8.28 -15.59 0.33
N ALA C 127 7.50 -14.76 -0.35
CA ALA C 127 8.10 -13.75 -1.20
C ALA C 127 8.94 -12.78 -0.40
N ALA C 128 8.42 -12.33 0.75
CA ALA C 128 9.13 -11.32 1.52
C ALA C 128 10.53 -11.77 1.90
N ALA C 129 10.66 -13.01 2.38
CA ALA C 129 12.00 -13.50 2.69
C ALA C 129 12.83 -13.61 1.42
N LEU C 130 12.22 -14.05 0.32
CA LEU C 130 13.03 -14.41 -0.84
C LEU C 130 13.50 -13.19 -1.61
N GLN C 131 12.65 -12.15 -1.69
CA GLN C 131 12.97 -10.98 -2.50
C GLN C 131 13.40 -9.78 -1.70
N TYR C 132 13.18 -9.77 -0.38
CA TYR C 132 13.67 -8.71 0.48
C TYR C 132 14.69 -9.16 1.50
N SER C 133 14.75 -10.46 1.81
CA SER C 133 15.64 -10.97 2.85
C SER C 133 15.10 -10.62 4.24
N ASP C 134 13.78 -10.51 4.31
CA ASP C 134 13.05 -10.25 5.54
C ASP C 134 13.26 -11.36 6.55
N ASN C 135 13.74 -11.02 7.74
CA ASN C 135 14.12 -12.11 8.64
C ASN C 135 12.95 -12.68 9.41
N VAL C 136 11.90 -11.90 9.64
CA VAL C 136 10.73 -12.42 10.33
C VAL C 136 9.99 -13.40 9.42
N ALA C 137 9.90 -13.05 8.12
CA ALA C 137 9.38 -13.99 7.13
C ALA C 137 10.07 -15.34 7.26
N MET C 138 11.41 -15.33 7.27
CA MET C 138 12.17 -16.57 7.41
C MET C 138 11.72 -17.35 8.64
N ASN C 139 11.75 -16.69 9.80
CA ASN C 139 11.38 -17.36 11.04
C ASN C 139 9.99 -17.91 10.95
N LYS C 140 9.09 -17.17 10.32
CA LYS C 140 7.74 -17.69 10.13
C LYS C 140 7.76 -18.92 9.21
N LEU C 141 8.56 -18.90 8.15
CA LEU C 141 8.73 -20.11 7.34
C LEU C 141 9.25 -21.25 8.18
N ILE C 142 10.36 -21.04 8.89
CA ILE C 142 10.92 -22.11 9.71
C ILE C 142 9.88 -22.64 10.68
N ALA C 143 9.15 -21.74 11.34
CA ALA C 143 8.26 -22.18 12.41
C ALA C 143 7.08 -22.95 11.86
N HIS C 144 6.55 -22.53 10.70
CA HIS C 144 5.43 -23.26 10.12
C HIS C 144 5.78 -24.72 9.83
N VAL C 145 6.93 -24.98 9.18
CA VAL C 145 7.26 -26.34 8.79
C VAL C 145 7.70 -27.16 9.99
N GLY C 146 8.03 -26.51 11.12
CA GLY C 146 8.24 -27.26 12.34
C GLY C 146 9.57 -27.04 13.02
N GLY C 147 10.33 -26.06 12.59
CA GLY C 147 11.60 -25.77 13.21
C GLY C 147 12.76 -26.14 12.31
N PRO C 148 13.95 -25.63 12.60
CA PRO C 148 15.09 -25.89 11.69
C PRO C 148 15.24 -27.35 11.31
N ALA C 149 15.12 -28.25 12.28
CA ALA C 149 15.29 -29.67 11.96
C ALA C 149 14.29 -30.14 10.93
N SER C 150 13.08 -29.58 10.91
CA SER C 150 12.10 -30.01 9.91
CA SER C 150 12.10 -29.99 9.91
C SER C 150 12.45 -29.47 8.53
N VAL C 151 13.06 -28.28 8.47
CA VAL C 151 13.58 -27.81 7.20
C VAL C 151 14.72 -28.70 6.74
N THR C 152 15.58 -29.10 7.66
CA THR C 152 16.60 -30.08 7.31
C THR C 152 15.96 -31.37 6.82
N ALA C 153 14.88 -31.79 7.47
CA ALA C 153 14.20 -32.99 7.00
C ALA C 153 13.84 -32.87 5.54
N PHE C 154 13.25 -31.75 5.15
CA PHE C 154 12.86 -31.58 3.74
C PHE C 154 14.06 -31.73 2.82
N ALA C 155 15.17 -31.10 3.17
CA ALA C 155 16.39 -31.25 2.38
C ALA C 155 16.72 -32.73 2.17
N ARG C 156 16.68 -33.51 3.25
CA ARG C 156 16.98 -34.93 3.13
C ARG C 156 15.95 -35.64 2.28
N GLN C 157 14.69 -35.20 2.36
CA GLN C 157 13.67 -35.73 1.48
C GLN C 157 14.03 -35.50 0.02
N LEU C 158 14.79 -34.44 -0.28
CA LEU C 158 15.26 -34.20 -1.63
C LEU C 158 16.60 -34.85 -1.91
N GLY C 159 17.01 -35.83 -1.10
CA GLY C 159 18.29 -36.43 -1.34
C GLY C 159 19.47 -35.55 -1.04
N ASP C 160 19.26 -34.31 -0.60
CA ASP C 160 20.36 -33.48 -0.12
C ASP C 160 20.72 -33.96 1.28
N GLU C 161 21.90 -34.58 1.42
CA GLU C 161 22.40 -35.05 2.69
C GLU C 161 23.42 -34.11 3.30
N THR C 162 23.72 -32.99 2.64
CA THR C 162 24.72 -32.08 3.18
C THR C 162 24.13 -30.93 3.95
N PHE C 163 23.01 -30.39 3.47
CA PHE C 163 22.35 -29.24 4.06
C PHE C 163 21.97 -29.47 5.53
N ARG C 164 22.18 -28.46 6.37
CA ARG C 164 21.71 -28.52 7.75
C ARG C 164 21.32 -27.13 8.23
N LEU C 165 20.08 -26.99 8.70
CA LEU C 165 19.60 -25.76 9.32
C LEU C 165 19.38 -26.02 10.81
N ASP C 166 20.06 -25.25 11.64
CA ASP C 166 20.15 -25.49 13.06
C ASP C 166 19.50 -24.39 13.88
N ARG C 167 19.67 -23.14 13.49
CA ARG C 167 19.19 -22.00 14.24
C ARG C 167 18.17 -21.25 13.40
N THR C 168 17.57 -20.23 14.02
CA THR C 168 16.58 -19.35 13.42
C THR C 168 17.26 -18.01 13.15
N GLU C 169 16.47 -17.02 12.69
CA GLU C 169 16.96 -15.67 12.43
C GLU C 169 16.96 -14.86 13.72
N PRO C 170 18.04 -14.11 14.02
CA PRO C 170 19.23 -13.90 13.19
C PRO C 170 20.41 -14.80 13.50
N THR C 171 20.35 -15.59 14.57
CA THR C 171 21.58 -16.26 14.97
C THR C 171 22.16 -17.17 13.88
N LEU C 172 21.38 -17.55 12.87
CA LEU C 172 21.89 -18.47 11.87
C LEU C 172 22.93 -17.83 10.95
N ASN C 173 23.13 -16.51 11.02
CA ASN C 173 24.09 -15.83 10.17
C ASN C 173 25.43 -15.60 10.88
N THR C 174 25.68 -16.28 12.00
CA THR C 174 26.95 -16.11 12.69
C THR C 174 28.13 -16.49 11.78
N ALA C 175 28.00 -17.58 11.03
CA ALA C 175 28.98 -17.91 9.98
C ALA C 175 30.40 -17.95 10.51
N ILE C 176 30.61 -18.71 11.58
CA ILE C 176 31.84 -18.63 12.36
C ILE C 176 32.78 -19.72 11.86
N PRO C 177 34.00 -19.38 11.43
CA PRO C 177 34.89 -20.37 10.85
C PRO C 177 34.99 -21.61 11.73
N GLY C 178 34.86 -22.77 11.11
CA GLY C 178 34.79 -24.01 11.84
C GLY C 178 33.43 -24.36 12.39
N ASP C 179 32.51 -23.40 12.45
CA ASP C 179 31.17 -23.67 12.94
C ASP C 179 30.34 -24.33 11.85
N PRO C 180 29.86 -25.57 12.05
CA PRO C 180 29.12 -26.26 10.99
C PRO C 180 27.60 -26.06 11.02
N ARG C 181 27.07 -25.40 12.04
CA ARG C 181 25.64 -25.13 12.08
C ARG C 181 25.24 -24.26 10.89
N ASP C 182 24.11 -24.59 10.27
CA ASP C 182 23.54 -23.76 9.22
C ASP C 182 24.49 -23.69 8.02
N THR C 183 25.02 -24.84 7.61
CA THR C 183 25.96 -24.87 6.49
C THR C 183 25.53 -25.90 5.47
N THR C 184 26.22 -25.83 4.33
CA THR C 184 26.13 -26.78 3.24
C THR C 184 27.33 -26.57 2.33
N SER C 185 27.51 -27.48 1.35
CA SER C 185 28.56 -27.37 0.34
C SER C 185 28.00 -26.72 -0.92
N PRO C 186 28.81 -25.98 -1.69
CA PRO C 186 28.28 -25.45 -2.95
C PRO C 186 27.72 -26.55 -3.84
N ARG C 187 28.26 -27.75 -3.75
CA ARG C 187 27.83 -28.83 -4.65
C ARG C 187 26.44 -29.31 -4.29
N ALA C 188 26.17 -29.46 -2.99
CA ALA C 188 24.84 -29.90 -2.57
C ALA C 188 23.81 -28.83 -2.87
N MET C 189 24.16 -27.56 -2.71
CA MET C 189 23.14 -26.54 -2.92
C MET C 189 22.82 -26.39 -4.41
N ALA C 190 23.84 -26.54 -5.27
CA ALA C 190 23.61 -26.49 -6.71
C ALA C 190 22.65 -27.59 -7.15
N GLN C 191 22.94 -28.84 -6.76
CA GLN C 191 22.03 -29.90 -7.16
C GLN C 191 20.64 -29.72 -6.58
N THR C 192 20.54 -29.18 -5.36
CA THR C 192 19.21 -28.97 -4.79
C THR C 192 18.47 -27.85 -5.51
N LEU C 193 19.14 -26.69 -5.70
CA LEU C 193 18.52 -25.61 -6.44
C LEU C 193 18.16 -26.04 -7.86
N ARG C 194 19.09 -26.73 -8.53
CA ARG C 194 18.77 -27.32 -9.83
C ARG C 194 17.50 -28.13 -9.73
N ASN C 195 17.42 -29.03 -8.75
CA ASN C 195 16.23 -29.85 -8.59
C ASN C 195 15.00 -29.01 -8.27
N LEU C 196 15.17 -27.92 -7.52
CA LEU C 196 14.03 -27.11 -7.12
C LEU C 196 13.49 -26.33 -8.30
N THR C 197 14.35 -25.56 -8.95
CA THR C 197 13.91 -24.59 -9.94
C THR C 197 13.79 -25.18 -11.32
N LEU C 198 14.49 -26.26 -11.61
CA LEU C 198 14.39 -26.91 -12.91
C LEU C 198 14.05 -28.37 -12.83
N GLY C 199 14.26 -29.02 -11.68
CA GLY C 199 13.98 -30.42 -11.52
C GLY C 199 12.52 -30.62 -11.25
N LYS C 200 12.19 -31.84 -10.79
CA LYS C 200 10.83 -32.18 -10.42
C LYS C 200 10.68 -32.44 -8.91
N ALA C 201 11.56 -31.86 -8.10
CA ALA C 201 11.41 -31.93 -6.65
C ALA C 201 10.06 -31.38 -6.21
N LEU C 202 9.60 -30.33 -6.86
CA LEU C 202 8.33 -29.73 -6.55
C LEU C 202 7.38 -29.99 -7.71
N GLY C 203 6.09 -29.87 -7.45
CA GLY C 203 5.10 -29.85 -8.51
C GLY C 203 5.36 -28.70 -9.46
N ASP C 204 4.61 -28.70 -10.56
CA ASP C 204 4.85 -27.69 -11.57
C ASP C 204 4.23 -26.34 -11.17
N SER C 205 3.15 -26.36 -10.41
CA SER C 205 2.68 -25.12 -9.78
C SER C 205 3.77 -24.53 -8.89
N GLN C 206 4.35 -25.36 -8.00
CA GLN C 206 5.32 -24.84 -7.03
C GLN C 206 6.60 -24.40 -7.69
N ARG C 207 7.17 -25.21 -8.59
CA ARG C 207 8.39 -24.82 -9.27
CA ARG C 207 8.40 -24.80 -9.25
C ARG C 207 8.24 -23.42 -9.88
N ALA C 208 7.17 -23.23 -10.66
CA ALA C 208 6.89 -21.91 -11.24
C ALA C 208 6.85 -20.84 -10.15
N GLN C 209 6.02 -21.04 -9.13
CA GLN C 209 5.94 -20.10 -8.02
C GLN C 209 7.33 -19.71 -7.54
N LEU C 210 8.14 -20.69 -7.16
CA LEU C 210 9.51 -20.42 -6.69
C LEU C 210 10.31 -19.63 -7.70
N VAL C 211 10.33 -20.04 -8.98
CA VAL C 211 11.13 -19.29 -9.94
C VAL C 211 10.59 -17.88 -10.05
N THR C 212 9.27 -17.72 -9.94
CA THR C 212 8.68 -16.38 -9.92
C THR C 212 9.21 -15.58 -8.74
N TRP C 213 8.99 -16.10 -7.52
CA TRP C 213 9.51 -15.43 -6.34
C TRP C 213 10.97 -15.06 -6.50
N MET C 214 11.81 -16.03 -6.92
CA MET C 214 13.24 -15.75 -7.04
C MET C 214 13.55 -14.82 -8.20
N LYS C 215 12.77 -14.93 -9.28
CA LYS C 215 13.03 -14.03 -10.40
C LYS C 215 12.85 -12.58 -10.00
N GLY C 216 11.93 -12.33 -9.07
CA GLY C 216 11.71 -10.98 -8.59
C GLY C 216 12.49 -10.62 -7.34
N ASN C 217 13.59 -11.30 -7.06
CA ASN C 217 14.41 -10.89 -5.95
C ASN C 217 14.85 -9.46 -6.17
N THR C 218 14.86 -8.69 -5.07
CA THR C 218 15.27 -7.29 -5.07
C THR C 218 16.68 -7.09 -4.54
N THR C 219 17.31 -8.12 -3.97
CA THR C 219 18.57 -7.92 -3.25
C THR C 219 19.81 -8.32 -4.04
N GLY C 220 19.66 -9.02 -5.16
CA GLY C 220 20.85 -9.60 -5.77
C GLY C 220 21.60 -8.77 -6.80
N ALA C 221 21.03 -7.64 -7.25
CA ALA C 221 21.56 -6.95 -8.42
C ALA C 221 23.07 -6.73 -8.39
N ALA C 222 23.72 -6.85 -7.23
CA ALA C 222 25.16 -6.58 -7.14
C ALA C 222 26.02 -7.83 -7.01
N SER C 223 25.42 -9.00 -6.85
CA SER C 223 26.24 -10.16 -6.53
C SER C 223 26.60 -10.90 -7.82
N ILE C 224 25.85 -11.97 -8.13
CA ILE C 224 26.16 -12.74 -9.33
C ILE C 224 25.70 -12.00 -10.58
N GLN C 225 24.43 -11.63 -10.64
CA GLN C 225 23.90 -10.78 -11.70
C GLN C 225 24.96 -9.76 -12.08
N ALA C 226 25.65 -9.22 -11.08
CA ALA C 226 26.75 -8.30 -11.32
C ALA C 226 27.58 -8.72 -12.53
N GLY C 227 28.12 -9.94 -12.51
CA GLY C 227 29.14 -10.34 -13.47
C GLY C 227 28.64 -11.17 -14.66
N LEU C 228 27.38 -10.99 -15.02
CA LEU C 228 26.76 -11.74 -16.11
C LEU C 228 26.34 -10.81 -17.23
N PRO C 229 26.66 -11.13 -18.47
CA PRO C 229 25.94 -10.55 -19.61
C PRO C 229 24.55 -10.08 -19.20
N ALA C 230 24.34 -8.75 -19.22
CA ALA C 230 23.15 -8.14 -18.65
C ALA C 230 21.85 -8.58 -19.31
N SER C 231 21.92 -9.29 -20.42
CA SER C 231 20.72 -9.75 -21.11
C SER C 231 20.05 -10.92 -20.40
N TRP C 232 20.78 -11.60 -19.50
CA TRP C 232 20.39 -12.93 -18.99
C TRP C 232 19.42 -12.81 -17.81
N VAL C 233 18.23 -13.42 -17.95
CA VAL C 233 17.33 -13.63 -16.83
C VAL C 233 18.09 -14.24 -15.65
N VAL C 234 17.65 -13.98 -14.41
CA VAL C 234 18.37 -14.48 -13.24
C VAL C 234 17.44 -14.54 -12.05
N GLY C 235 17.20 -15.72 -11.51
CA GLY C 235 16.62 -15.87 -10.18
C GLY C 235 17.73 -16.17 -9.19
N ASP C 236 17.69 -15.52 -8.03
CA ASP C 236 18.80 -15.68 -7.10
C ASP C 236 18.34 -15.36 -5.69
N LYS C 237 19.14 -15.81 -4.72
CA LYS C 237 18.95 -15.44 -3.31
C LYS C 237 20.32 -15.09 -2.75
N THR C 238 20.51 -13.83 -2.41
CA THR C 238 21.74 -13.41 -1.76
C THR C 238 21.84 -13.99 -0.34
N GLY C 239 23.03 -13.82 0.25
CA GLY C 239 23.29 -14.24 1.61
C GLY C 239 24.31 -13.32 2.24
N SER C 240 24.00 -12.80 3.42
CA SER C 240 24.88 -11.92 4.16
C SER C 240 25.26 -12.59 5.48
N GLY C 241 26.41 -12.24 6.03
CA GLY C 241 26.71 -12.85 7.32
C GLY C 241 27.92 -12.25 7.97
N GLY C 242 28.19 -12.75 9.18
CA GLY C 242 29.41 -12.41 9.89
C GLY C 242 30.62 -12.97 9.18
N TYR C 243 31.80 -12.53 9.63
CA TYR C 243 33.04 -12.93 8.98
C TYR C 243 32.97 -12.65 7.48
N GLY C 244 32.28 -11.57 7.14
CA GLY C 244 32.17 -11.07 5.79
C GLY C 244 31.46 -12.02 4.85
N THR C 245 30.84 -13.06 5.41
CA THR C 245 30.21 -14.07 4.57
C THR C 245 29.25 -13.42 3.59
N THR C 246 29.53 -13.56 2.30
CA THR C 246 28.67 -13.10 1.23
C THR C 246 28.39 -14.26 0.29
N ASN C 247 27.11 -14.55 0.07
CA ASN C 247 26.69 -15.70 -0.68
C ASN C 247 25.66 -15.31 -1.72
N ASP C 248 25.45 -16.20 -2.68
CA ASP C 248 24.42 -15.97 -3.67
C ASP C 248 24.22 -17.27 -4.42
N ILE C 249 22.96 -17.59 -4.72
CA ILE C 249 22.63 -18.81 -5.43
C ILE C 249 21.59 -18.46 -6.48
N ALA C 250 21.88 -18.77 -7.74
CA ALA C 250 21.08 -18.30 -8.86
C ALA C 250 20.80 -19.42 -9.82
N VAL C 251 19.54 -19.53 -10.24
CA VAL C 251 19.19 -20.20 -11.48
C VAL C 251 19.22 -19.16 -12.59
N ILE C 252 19.82 -19.51 -13.72
CA ILE C 252 20.21 -18.55 -14.74
C ILE C 252 19.82 -19.06 -16.12
N TRP C 253 19.46 -18.12 -17.00
CA TRP C 253 18.90 -18.44 -18.30
C TRP C 253 19.46 -17.52 -19.37
N PRO C 254 20.66 -17.79 -19.87
CA PRO C 254 21.17 -16.93 -20.95
C PRO C 254 20.21 -17.00 -22.12
N LYS C 255 20.37 -16.09 -23.09
CA LYS C 255 19.49 -16.15 -24.24
C LYS C 255 19.88 -17.33 -25.12
N ASP C 256 18.89 -18.15 -25.49
CA ASP C 256 19.14 -19.22 -26.43
C ASP C 256 20.10 -20.29 -25.91
N ARG C 257 20.50 -20.18 -24.65
CA ARG C 257 21.33 -21.17 -24.00
CA ARG C 257 21.32 -21.16 -23.99
C ARG C 257 20.49 -21.94 -22.98
N ALA C 258 20.89 -23.16 -22.67
CA ALA C 258 20.16 -23.91 -21.66
C ALA C 258 20.52 -23.37 -20.28
N PRO C 259 19.63 -23.50 -19.29
CA PRO C 259 19.85 -22.80 -18.02
C PRO C 259 21.04 -23.33 -17.25
N LEU C 260 21.58 -22.44 -16.40
CA LEU C 260 22.66 -22.71 -15.48
C LEU C 260 22.14 -22.60 -14.06
N ILE C 261 22.82 -23.28 -13.15
CA ILE C 261 22.67 -23.10 -11.72
C ILE C 261 24.03 -22.67 -11.22
N LEU C 262 24.07 -21.61 -10.42
CA LEU C 262 25.33 -21.06 -9.95
C LEU C 262 25.24 -20.73 -8.48
N VAL C 263 26.10 -21.36 -7.68
CA VAL C 263 26.21 -21.10 -6.24
C VAL C 263 27.55 -20.48 -6.00
N THR C 264 27.58 -19.25 -5.52
CA THR C 264 28.82 -18.61 -5.14
C THR C 264 28.72 -18.27 -3.66
N TYR C 265 29.57 -18.90 -2.87
CA TYR C 265 29.71 -18.71 -1.43
C TYR C 265 31.08 -18.11 -1.16
N PHE C 266 31.13 -17.10 -0.31
CA PHE C 266 32.40 -16.45 -0.03
C PHE C 266 32.44 -16.04 1.42
N THR C 267 33.55 -16.35 2.10
CA THR C 267 33.71 -15.98 3.48
C THR C 267 35.11 -15.46 3.68
N GLN C 268 35.32 -14.82 4.83
CA GLN C 268 36.61 -14.18 5.09
C GLN C 268 37.12 -14.62 6.45
N PRO C 269 38.27 -14.12 6.89
CA PRO C 269 38.82 -14.58 8.17
C PRO C 269 38.59 -13.63 9.35
N GLN C 270 38.24 -12.35 9.11
CA GLN C 270 38.10 -11.37 10.19
C GLN C 270 36.62 -11.11 10.51
N PRO C 271 36.17 -11.43 11.75
CA PRO C 271 34.74 -11.39 12.10
C PRO C 271 33.93 -10.21 11.60
N LYS C 272 34.45 -8.98 11.57
CA LYS C 272 33.66 -7.85 11.08
C LYS C 272 34.06 -7.41 9.67
N ALA C 273 34.49 -8.36 8.83
CA ALA C 273 34.93 -8.03 7.48
C ALA C 273 33.74 -7.64 6.60
N GLU C 274 33.86 -6.50 5.92
CA GLU C 274 32.77 -6.00 5.11
C GLU C 274 32.33 -7.02 4.08
N SER C 275 31.10 -6.84 3.58
CA SER C 275 30.56 -7.70 2.54
C SER C 275 31.30 -7.48 1.23
N ARG C 276 31.46 -8.54 0.46
CA ARG C 276 32.23 -8.51 -0.79
C ARG C 276 31.39 -9.05 -1.95
N ARG C 277 30.22 -8.45 -2.18
CA ARG C 277 29.34 -8.95 -3.23
C ARG C 277 30.00 -8.87 -4.60
N ASP C 278 30.98 -7.99 -4.75
CA ASP C 278 31.75 -7.94 -5.98
C ASP C 278 32.40 -9.30 -6.27
N VAL C 279 33.00 -9.90 -5.25
CA VAL C 279 33.71 -11.17 -5.45
C VAL C 279 32.78 -12.21 -6.05
N LEU C 280 31.54 -12.27 -5.56
CA LEU C 280 30.55 -13.12 -6.22
C LEU C 280 30.35 -12.68 -7.66
N ALA C 281 30.41 -11.38 -7.92
CA ALA C 281 30.26 -10.88 -9.28
C ALA C 281 31.32 -11.48 -10.18
N SER C 282 32.58 -11.11 -9.95
CA SER C 282 33.73 -11.69 -10.62
C SER C 282 33.61 -13.20 -10.76
N ALA C 283 33.64 -13.88 -9.63
CA ALA C 283 33.52 -15.33 -9.63
C ALA C 283 32.44 -15.73 -10.63
N ALA C 284 31.34 -14.98 -10.65
CA ALA C 284 30.24 -15.31 -11.55
C ALA C 284 30.61 -15.11 -13.02
N LYS C 285 31.54 -14.22 -13.31
CA LYS C 285 31.89 -14.02 -14.71
C LYS C 285 33.09 -14.86 -15.11
N ILE C 286 34.02 -15.08 -14.18
CA ILE C 286 35.10 -16.03 -14.40
C ILE C 286 34.54 -17.38 -14.84
N VAL C 287 33.63 -17.94 -14.04
CA VAL C 287 33.16 -19.28 -14.34
C VAL C 287 32.18 -19.31 -15.48
N THR C 288 31.55 -18.19 -15.83
CA THR C 288 30.61 -18.18 -16.93
C THR C 288 31.27 -17.94 -18.30
N ASP C 289 32.53 -17.52 -18.34
CA ASP C 289 33.27 -17.48 -19.61
C ASP C 289 33.39 -18.87 -20.22
N GLY C 290 32.59 -19.15 -21.25
CA GLY C 290 32.43 -20.49 -21.79
C GLY C 290 30.97 -20.70 -22.16
N LEU C 291 30.09 -19.90 -21.55
CA LEU C 291 28.64 -19.99 -21.79
C LEU C 291 28.05 -18.62 -22.14
C15 LD0 D . 14.52 9.16 -12.42
C17 LD0 D . 15.57 8.35 -10.23
C20 LD0 D . 15.31 5.57 -8.77
C21 LD0 D . 14.23 6.13 -9.61
C01 LD0 D . 19.73 10.78 -15.06
C04 LD0 D . 18.75 8.01 -13.41
C05 LD0 D . 19.39 6.99 -12.43
C06 LD0 D . 20.79 6.93 -12.23
C08 LD0 D . 19.42 5.29 -10.85
C11 LD0 D . 17.25 8.26 -13.37
C14 LD0 D . 15.29 8.04 -11.69
C19 LD0 D . 16.37 6.78 -8.38
C23 LD0 D . 16.02 4.46 -9.54
C25 LD0 D . 17.59 6.18 -7.65
N03 LD0 D . 19.49 8.65 -14.20
N09 LD0 D . 18.68 6.09 -11.66
N10 LD0 D . 18.93 4.25 -9.95
N13 LD0 D . 16.66 7.91 -12.10
N18 LD0 D . 16.76 7.60 -9.75
O02 LD0 D . 18.97 9.59 -15.11
O12 LD0 D . 16.60 8.71 -14.25
O16 LD0 D . 14.44 10.28 -11.98
O26 LD0 D . 17.45 5.70 -6.48
O27 LD0 D . 18.73 6.16 -8.19
S07 LD0 D . 21.04 5.70 -11.07
S22 LD0 D . 14.32 7.74 -9.42
S24 LD0 D . 16.51 3.23 -8.29
C15 LD0 E . -32.46 4.20 15.40
C17 LD0 E . -31.74 2.02 14.29
C20 LD0 E . -31.68 -1.17 14.20
C21 LD0 E . -31.06 -0.43 15.33
C01 LD0 E . -38.93 2.18 16.89
C04 LD0 E . -35.70 1.33 17.26
C05 LD0 E . -35.84 -0.19 17.30
C06 LD0 E . -35.01 -1.05 16.56
C08 LD0 E . -36.79 -2.15 18.01
C11 LD0 E . -34.33 1.97 17.04
C14 LD0 E . -32.48 2.67 15.46
C19 LD0 E . -32.05 -0.15 12.92
C23 LD0 E . -32.97 -1.83 14.68
C25 LD0 E . -33.02 -0.85 11.98
N03 LD0 E . -36.70 2.06 17.41
N09 LD0 E . -36.78 -0.82 18.07
N10 LD0 E . -37.69 -3.05 18.72
N13 LD0 E . -33.79 2.06 15.70
N18 LD0 E . -32.69 1.25 13.43
O02 LD0 E . -37.97 1.48 17.61
O12 LD0 E . -33.71 2.39 17.96
O16 LD0 E . -33.80 4.60 15.03
O26 LD0 E . -33.70 -0.17 11.17
O27 LD0 E . -33.14 -2.10 12.01
S07 LD0 E . -35.56 -2.61 16.93
S22 LD0 E . -30.52 1.05 14.89
S24 LD0 E . -32.67 -3.59 15.00
C15 LD0 F . 20.83 -12.86 4.48
C17 LD0 F . 21.56 -11.22 2.65
C20 LD0 F . 20.82 -8.73 0.84
C21 LD0 F . 19.79 -9.40 1.66
C01 LD0 F . 20.75 -11.48 10.37
C04 LD0 F . 21.19 -9.56 7.53
C05 LD0 F . 21.87 -8.21 7.33
C06 LD0 F . 21.50 -7.35 6.27
C08 LD0 F . 23.34 -6.53 7.86
C11 LD0 F . 20.76 -10.36 6.29
C14 LD0 F . 20.99 -11.38 4.07
C19 LD0 F . 22.14 -9.74 0.81
C23 LD0 F . 21.24 -7.43 1.49
C25 LD0 F . 23.27 -9.09 -0.02
N03 LD0 F . 21.00 -9.94 8.71
N09 LD0 F . 22.84 -7.74 8.16
N10 LD0 F . 24.40 -5.83 8.59
N13 LD0 F . 21.64 -10.61 5.14
N18 LD0 F . 22.43 -10.05 2.38
O02 LD0 F . 20.40 -11.16 9.06
O12 LD0 F . 19.63 -10.77 6.28
O16 LD0 F . 21.78 -13.53 4.76
O26 LD0 F . 24.48 -9.38 0.20
O27 LD0 F . 22.96 -8.26 -0.94
S07 LD0 F . 22.51 -6.01 6.46
S22 LD0 F . 20.19 -10.97 1.74
S24 LD0 F . 20.82 -6.11 0.33
#